data_3QIT
#
_entry.id   3QIT
#
_cell.length_a   74.560
_cell.length_b   86.911
_cell.length_c   87.592
_cell.angle_alpha   90.00
_cell.angle_beta   90.77
_cell.angle_gamma   90.00
#
_symmetry.space_group_name_H-M   'P 1 21 1'
#
loop_
_entity.id
_entity.type
_entity.pdbx_description
1 polymer 'Polyketide synthase'
2 water water
#
_entity_poly.entity_id   1
_entity_poly.type   'polypeptide(L)'
_entity_poly.pdbx_seq_one_letter_code
;SNAMEEKFLEFGGNQICLCSWGSPEHPVVLCIHGILEQGLAWQEVALPLAAQGYRVVAPDLFGHGRSSHLEMVTSYSSLT
FLAQIDRVIQELPDQPLLLVGHSMGAMLATAIASVRPKKIKELILVELPLPAEESKKESAVNQLTTCLDYLSSTPQHPIF
PDVATAASRLRQAIPSLSEEFSYILAQRITQPNQGGVRWSWDAIIRTRSILGLNNLPGGRSQYLEMLKSIQVPTTLVYGD
SSKLNRPEDLQQQKMTMTQAKRVFLSGGHNLHIDAAAALASLILTS
;
_entity_poly.pdbx_strand_id   A,B,C,D
#
# COMPACT_ATOMS: atom_id res chain seq x y z
N ASN A 2 33.84 29.50 13.66
CA ASN A 2 33.77 28.83 14.99
C ASN A 2 32.57 27.89 15.16
N ALA A 3 31.38 28.39 14.83
CA ALA A 3 30.14 27.67 15.10
C ALA A 3 29.96 26.43 14.21
N MET A 4 29.24 25.44 14.73
CA MET A 4 28.90 24.24 13.96
C MET A 4 28.02 24.59 12.77
N GLU A 5 28.31 24.00 11.61
CA GLU A 5 27.46 24.11 10.42
C GLU A 5 26.79 22.76 10.22
N GLU A 6 25.59 22.78 9.64
CA GLU A 6 24.89 21.54 9.35
C GLU A 6 24.42 21.52 7.90
N LYS A 7 24.53 20.37 7.26
CA LYS A 7 23.99 20.21 5.93
C LYS A 7 23.50 18.78 5.78
N PHE A 8 22.54 18.57 4.89
CA PHE A 8 22.01 17.23 4.70
C PHE A 8 22.58 16.65 3.42
N LEU A 9 22.81 15.34 3.44
CA LEU A 9 23.26 14.61 2.26
C LEU A 9 22.31 13.46 2.02
N GLU A 10 21.78 13.35 0.80
CA GLU A 10 20.82 12.28 0.49
C GLU A 10 21.56 10.98 0.35
N PHE A 11 20.97 9.91 0.88
CA PHE A 11 21.53 8.56 0.76
C PHE A 11 20.46 7.52 0.98
N GLY A 12 20.23 6.67 -0.01
CA GLY A 12 19.29 5.54 0.12
C GLY A 12 17.85 5.94 0.42
N GLY A 13 17.41 7.09 -0.13
CA GLY A 13 16.07 7.62 0.13
C GLY A 13 15.94 8.34 1.47
N ASN A 14 17.05 8.45 2.18
CA ASN A 14 17.07 9.08 3.48
C ASN A 14 18.00 10.28 3.45
N GLN A 15 18.10 10.98 4.58
CA GLN A 15 18.96 12.17 4.72
C GLN A 15 19.94 12.00 5.87
N ILE A 16 21.21 12.28 5.57
CA ILE A 16 22.26 12.23 6.59
C ILE A 16 22.56 13.67 6.99
N CYS A 17 22.43 13.99 8.28
CA CYS A 17 22.85 15.30 8.78
C CYS A 17 24.35 15.28 9.07
N LEU A 18 25.10 16.17 8.44
CA LEU A 18 26.52 16.30 8.71
C LEU A 18 26.77 17.57 9.50
N CYS A 19 27.36 17.42 10.70
CA CYS A 19 27.84 18.55 11.48
C CYS A 19 29.30 18.81 11.13
N SER A 20 29.69 20.09 11.01
CA SER A 20 31.07 20.40 10.77
CA SER A 20 31.06 20.43 10.70
C SER A 20 31.51 21.68 11.46
N TRP A 21 32.81 21.74 11.74
CA TRP A 21 33.46 22.91 12.35
C TRP A 21 34.73 23.16 11.56
N GLY A 22 35.10 24.43 11.41
CA GLY A 22 36.34 24.77 10.76
C GLY A 22 36.19 25.11 9.29
N SER A 23 37.30 25.50 8.68
CA SER A 23 37.32 25.91 7.26
C SER A 23 37.17 24.74 6.30
N PRO A 24 36.27 24.85 5.31
CA PRO A 24 35.98 23.76 4.38
C PRO A 24 37.18 23.31 3.54
N GLU A 25 38.21 24.14 3.44
CA GLU A 25 39.41 23.76 2.70
C GLU A 25 40.48 23.05 3.54
N HIS A 26 40.23 22.87 4.84
CA HIS A 26 41.26 22.33 5.74
C HIS A 26 41.22 20.79 5.84
N PRO A 27 42.35 20.15 6.23
CA PRO A 27 42.38 18.69 6.33
C PRO A 27 41.30 18.18 7.29
N VAL A 28 40.67 17.08 6.91
CA VAL A 28 39.46 16.62 7.59
C VAL A 28 39.77 15.67 8.76
N VAL A 29 39.08 15.90 9.87
CA VAL A 29 39.01 14.89 10.95
C VAL A 29 37.56 14.41 10.95
N LEU A 30 37.35 13.13 10.65
CA LEU A 30 35.99 12.54 10.57
C LEU A 30 35.71 11.79 11.89
N CYS A 31 34.65 12.19 12.59
CA CYS A 31 34.37 11.68 13.96
C CYS A 31 33.03 10.92 13.94
N ILE A 32 33.03 9.70 14.50
CA ILE A 32 31.83 8.82 14.51
C ILE A 32 31.36 8.62 15.94
N HIS A 33 30.20 9.17 16.25
CA HIS A 33 29.63 9.07 17.58
C HIS A 33 29.13 7.65 17.87
N GLY A 34 28.84 7.39 19.15
CA GLY A 34 28.31 6.09 19.57
C GLY A 34 26.81 6.10 19.77
N ILE A 35 26.28 5.04 20.34
CA ILE A 35 24.84 4.84 20.36
C ILE A 35 24.12 5.92 21.19
N LEU A 36 22.98 6.40 20.66
CA LEU A 36 22.08 7.42 21.26
C LEU A 36 22.60 8.85 21.19
N GLU A 37 23.85 9.00 20.74
CA GLU A 37 24.46 10.33 20.66
C GLU A 37 24.24 10.96 19.27
N GLN A 38 25.11 11.87 18.86
CA GLN A 38 24.84 12.72 17.69
C GLN A 38 26.12 13.43 17.35
N GLY A 39 26.22 13.97 16.14
CA GLY A 39 27.48 14.62 15.74
C GLY A 39 27.90 15.76 16.65
N LEU A 40 26.91 16.48 17.20
CA LEU A 40 27.16 17.64 18.06
C LEU A 40 27.88 17.21 19.35
N ALA A 41 27.75 15.93 19.73
CA ALA A 41 28.46 15.42 20.90
C ALA A 41 29.99 15.59 20.82
N TRP A 42 30.51 15.75 19.60
CA TRP A 42 31.94 15.95 19.36
C TRP A 42 32.39 17.40 19.55
N GLN A 43 31.48 18.30 19.89
CA GLN A 43 31.81 19.74 19.84
C GLN A 43 33.02 20.15 20.69
N GLU A 44 33.13 19.63 21.91
CA GLU A 44 34.24 20.02 22.78
C GLU A 44 35.61 19.49 22.32
N VAL A 45 35.60 18.40 21.55
CA VAL A 45 36.80 17.94 20.88
C VAL A 45 37.02 18.77 19.60
N ALA A 46 35.94 19.04 18.89
CA ALA A 46 36.05 19.64 17.57
C ALA A 46 36.58 21.09 17.61
N LEU A 47 36.19 21.84 18.63
CA LEU A 47 36.54 23.28 18.64
C LEU A 47 38.06 23.51 18.66
N PRO A 48 38.80 22.82 19.56
CA PRO A 48 40.25 23.02 19.54
C PRO A 48 40.90 22.46 18.28
N LEU A 49 40.35 21.39 17.69
CA LEU A 49 40.88 20.91 16.42
C LEU A 49 40.69 21.92 15.31
N ALA A 50 39.49 22.51 15.24
CA ALA A 50 39.19 23.50 14.19
C ALA A 50 40.05 24.75 14.36
N ALA A 51 40.32 25.12 15.61
CA ALA A 51 41.22 26.26 15.93
C ALA A 51 42.64 26.04 15.44
N GLN A 52 43.03 24.77 15.32
CA GLN A 52 44.39 24.41 14.84
C GLN A 52 44.44 24.09 13.35
N GLY A 53 43.43 24.50 12.60
CA GLY A 53 43.45 24.31 11.14
C GLY A 53 42.93 23.00 10.58
N TYR A 54 42.03 22.35 11.32
CA TYR A 54 41.34 21.17 10.79
C TYR A 54 39.88 21.47 10.47
N ARG A 55 39.34 20.72 9.52
CA ARG A 55 37.90 20.66 9.24
C ARG A 55 37.35 19.41 9.91
N VAL A 56 36.54 19.59 10.95
CA VAL A 56 36.01 18.44 11.69
C VAL A 56 34.62 18.13 11.15
N VAL A 57 34.37 16.88 10.80
CA VAL A 57 33.08 16.49 10.24
C VAL A 57 32.56 15.36 11.09
N ALA A 58 31.30 15.47 11.54
CA ALA A 58 30.70 14.45 12.41
C ALA A 58 29.28 14.20 11.95
N PRO A 59 29.03 13.10 11.22
CA PRO A 59 27.64 12.77 10.78
C PRO A 59 26.79 12.29 11.95
N ASP A 60 25.49 12.55 11.89
CA ASP A 60 24.54 11.86 12.77
C ASP A 60 24.27 10.50 12.10
N LEU A 61 24.46 9.43 12.84
CA LEU A 61 24.12 8.12 12.30
C LEU A 61 22.59 8.08 12.08
N PHE A 62 22.11 7.27 11.16
CA PHE A 62 20.64 7.16 10.97
C PHE A 62 19.95 6.84 12.29
N GLY A 63 18.75 7.40 12.46
CA GLY A 63 18.04 7.22 13.71
C GLY A 63 18.53 8.10 14.86
N HIS A 64 19.62 8.84 14.65
CA HIS A 64 20.20 9.69 15.69
C HIS A 64 20.24 11.17 15.26
N GLY A 65 20.34 12.06 16.25
CA GLY A 65 20.55 13.49 15.94
C GLY A 65 19.44 13.97 15.01
N ARG A 66 19.85 14.54 13.89
CA ARG A 66 18.89 15.06 12.89
C ARG A 66 18.83 14.23 11.62
N SER A 67 19.48 13.07 11.62
CA SER A 67 19.39 12.22 10.45
C SER A 67 18.04 11.51 10.41
N SER A 68 17.65 11.08 9.20
CA SER A 68 16.39 10.33 9.04
C SER A 68 16.28 9.16 9.97
N HIS A 69 15.05 8.89 10.43
CA HIS A 69 14.76 7.59 11.04
C HIS A 69 14.48 6.62 9.89
N LEU A 70 14.89 5.38 10.06
CA LEU A 70 14.62 4.38 9.01
C LEU A 70 13.21 3.81 9.23
N GLU A 71 12.37 3.91 8.21
CA GLU A 71 10.95 3.53 8.37
C GLU A 71 10.76 2.03 8.52
N MET A 72 11.71 1.26 8.01
CA MET A 72 11.69 -0.20 8.21
C MET A 72 12.77 -0.59 9.20
N VAL A 73 12.32 -1.14 10.33
CA VAL A 73 13.20 -1.38 11.49
C VAL A 73 14.42 -2.23 11.17
N THR A 74 14.23 -3.21 10.29
CA THR A 74 15.33 -4.09 9.90
C THR A 74 16.44 -3.42 9.13
N SER A 75 16.19 -2.19 8.68
CA SER A 75 17.26 -1.40 8.06
C SER A 75 18.33 -0.97 9.06
N TYR A 76 18.01 -0.93 10.35
CA TYR A 76 19.02 -0.60 11.36
C TYR A 76 19.93 -1.80 11.54
N SER A 77 21.18 -1.63 11.11
CA SER A 77 22.21 -2.69 11.21
C SER A 77 23.57 -1.99 11.15
N SER A 78 24.60 -2.67 11.63
CA SER A 78 25.94 -2.14 11.49
CA SER A 78 25.94 -2.11 11.50
C SER A 78 26.31 -1.97 10.02
N LEU A 79 25.82 -2.88 9.16
CA LEU A 79 26.05 -2.76 7.71
C LEU A 79 25.50 -1.46 7.15
N THR A 80 24.27 -1.11 7.52
CA THR A 80 23.69 0.18 7.13
C THR A 80 24.54 1.37 7.61
N PHE A 81 24.98 1.36 8.86
CA PHE A 81 25.85 2.44 9.36
C PHE A 81 27.18 2.50 8.63
N LEU A 82 27.72 1.34 8.24
CA LEU A 82 28.99 1.31 7.52
C LEU A 82 28.81 1.88 6.11
N ALA A 83 27.70 1.53 5.47
CA ALA A 83 27.42 2.10 4.15
C ALA A 83 27.21 3.63 4.25
N GLN A 84 26.59 4.04 5.33
CA GLN A 84 26.33 5.45 5.57
C GLN A 84 27.66 6.19 5.70
N ILE A 85 28.56 5.64 6.51
CA ILE A 85 29.87 6.28 6.69
C ILE A 85 30.68 6.28 5.40
N ASP A 86 30.59 5.19 4.64
CA ASP A 86 31.31 5.10 3.37
C ASP A 86 30.81 6.18 2.41
N ARG A 87 29.49 6.40 2.38
CA ARG A 87 28.90 7.47 1.57
C ARG A 87 29.42 8.87 2.01
N VAL A 88 29.51 9.09 3.31
CA VAL A 88 30.06 10.36 3.83
C VAL A 88 31.51 10.55 3.36
N ILE A 89 32.31 9.50 3.43
CA ILE A 89 33.70 9.59 2.92
C ILE A 89 33.77 9.97 1.45
N GLN A 90 32.86 9.39 0.67
CA GLN A 90 32.71 9.64 -0.78
CA GLN A 90 32.80 9.67 -0.76
C GLN A 90 32.50 11.13 -1.03
N GLU A 91 31.84 11.78 -0.09
CA GLU A 91 31.48 13.19 -0.20
C GLU A 91 32.63 14.12 0.21
N LEU A 92 33.61 13.58 0.93
CA LEU A 92 34.73 14.36 1.41
C LEU A 92 35.88 14.41 0.41
N PRO A 93 36.81 15.36 0.57
CA PRO A 93 37.95 15.45 -0.35
C PRO A 93 38.72 14.15 -0.44
N ASP A 94 39.27 13.88 -1.62
CA ASP A 94 40.02 12.64 -1.86
C ASP A 94 41.46 12.78 -1.34
N GLN A 95 41.58 12.93 -0.03
CA GLN A 95 42.86 12.97 0.67
C GLN A 95 42.73 12.08 1.91
N PRO A 96 43.81 11.35 2.27
CA PRO A 96 43.74 10.57 3.54
C PRO A 96 43.40 11.48 4.72
N LEU A 97 42.46 11.02 5.54
CA LEU A 97 41.94 11.84 6.63
C LEU A 97 42.15 11.17 8.00
N LEU A 98 41.91 11.91 9.07
CA LEU A 98 41.98 11.36 10.41
C LEU A 98 40.61 10.82 10.75
N LEU A 99 40.55 9.58 11.23
CA LEU A 99 39.24 8.95 11.52
C LEU A 99 39.20 8.64 13.02
N VAL A 100 38.18 9.17 13.70
CA VAL A 100 38.03 9.01 15.16
C VAL A 100 36.65 8.42 15.43
N GLY A 101 36.58 7.43 16.31
CA GLY A 101 35.26 6.84 16.65
C GLY A 101 35.19 6.65 18.16
N HIS A 102 33.98 6.75 18.72
CA HIS A 102 33.78 6.52 20.16
C HIS A 102 32.82 5.36 20.33
N SER A 103 33.22 4.36 21.12
CA SER A 103 32.35 3.23 21.50
C SER A 103 31.78 2.44 20.28
N MET A 104 30.46 2.42 20.06
CA MET A 104 29.98 1.79 18.81
C MET A 104 30.64 2.46 17.59
N GLY A 105 30.84 3.76 17.71
CA GLY A 105 31.52 4.53 16.66
C GLY A 105 32.93 4.03 16.38
N ALA A 106 33.62 3.59 17.44
CA ALA A 106 34.96 3.02 17.30
C ALA A 106 34.89 1.67 16.61
N MET A 107 33.87 0.85 16.93
CA MET A 107 33.71 -0.44 16.22
C MET A 107 33.48 -0.18 14.72
N LEU A 108 32.59 0.76 14.41
CA LEU A 108 32.33 1.16 13.03
C LEU A 108 33.59 1.67 12.34
N ALA A 109 34.34 2.52 13.04
CA ALA A 109 35.56 3.10 12.46
C ALA A 109 36.58 2.02 12.11
N THR A 110 36.70 1.01 12.98
CA THR A 110 37.61 -0.12 12.72
CA THR A 110 37.59 -0.12 12.75
C THR A 110 37.23 -0.82 11.43
N ALA A 111 35.94 -1.09 11.25
CA ALA A 111 35.53 -1.74 10.03
C ALA A 111 35.83 -0.85 8.81
N ILE A 112 35.54 0.44 8.92
CA ILE A 112 35.80 1.37 7.79
C ILE A 112 37.30 1.44 7.47
N ALA A 113 38.14 1.48 8.50
CA ALA A 113 39.58 1.53 8.26
C ALA A 113 40.12 0.22 7.63
N SER A 114 39.46 -0.90 7.90
CA SER A 114 39.90 -2.19 7.36
CA SER A 114 39.89 -2.20 7.35
C SER A 114 39.56 -2.29 5.87
N VAL A 115 38.48 -1.62 5.49
CA VAL A 115 37.99 -1.62 4.12
C VAL A 115 38.56 -0.51 3.25
N ARG A 116 38.79 0.66 3.85
CA ARG A 116 39.29 1.83 3.11
C ARG A 116 40.64 2.34 3.62
N PRO A 117 41.65 1.46 3.72
CA PRO A 117 42.90 1.89 4.34
C PRO A 117 43.58 3.07 3.68
N LYS A 118 43.44 3.23 2.37
CA LYS A 118 44.13 4.33 1.68
C LYS A 118 43.53 5.68 2.03
N LYS A 119 42.30 5.64 2.52
CA LYS A 119 41.58 6.85 2.87
C LYS A 119 41.91 7.33 4.28
N ILE A 120 42.54 6.46 5.07
CA ILE A 120 42.70 6.73 6.52
C ILE A 120 44.15 7.00 6.87
N LYS A 121 44.47 8.26 7.17
CA LYS A 121 45.84 8.63 7.58
C LYS A 121 46.21 8.09 8.95
N GLU A 122 45.29 8.22 9.91
CA GLU A 122 45.47 7.78 11.30
C GLU A 122 44.10 7.40 11.81
N LEU A 123 44.07 6.36 12.65
CA LEU A 123 42.83 5.86 13.25
C LEU A 123 42.90 6.04 14.75
N ILE A 124 41.89 6.69 15.35
CA ILE A 124 41.83 6.90 16.79
CA ILE A 124 41.82 6.92 16.80
C ILE A 124 40.56 6.23 17.31
N LEU A 125 40.74 5.19 18.13
CA LEU A 125 39.62 4.40 18.61
C LEU A 125 39.42 4.68 20.08
N VAL A 126 38.34 5.40 20.39
CA VAL A 126 38.08 5.83 21.74
C VAL A 126 37.09 4.89 22.38
N GLU A 127 37.50 4.24 23.46
CA GLU A 127 36.65 3.28 24.16
C GLU A 127 36.08 2.19 23.23
N LEU A 128 36.98 1.52 22.51
CA LEU A 128 36.61 0.39 21.68
C LEU A 128 35.99 -0.75 22.51
N PRO A 129 34.78 -1.20 22.16
CA PRO A 129 34.18 -2.33 22.89
C PRO A 129 34.68 -3.67 22.33
N LEU A 130 34.71 -4.71 23.16
CA LEU A 130 34.96 -6.06 22.65
C LEU A 130 33.60 -6.69 22.35
N PRO A 131 33.49 -7.42 21.22
CA PRO A 131 32.17 -7.98 20.86
C PRO A 131 31.72 -9.03 21.87
N ALA A 132 30.41 -9.29 21.91
CA ALA A 132 29.84 -10.31 22.79
C ALA A 132 30.43 -11.68 22.49
N GLU A 133 30.79 -12.42 23.53
CA GLU A 133 31.30 -13.78 23.37
C GLU A 133 30.14 -14.73 23.02
N GLU A 134 30.37 -15.57 22.00
CA GLU A 134 29.38 -16.55 21.51
C GLU A 134 28.09 -15.89 21.03
N GLU A 138 22.66 -18.84 23.69
CA GLU A 138 21.52 -19.73 23.41
C GLU A 138 21.20 -19.82 21.91
N SER A 139 20.27 -20.71 21.57
CA SER A 139 19.93 -21.03 20.17
C SER A 139 19.61 -19.82 19.30
N ALA A 140 19.90 -19.95 18.01
CA ALA A 140 19.58 -18.93 17.02
C ALA A 140 18.06 -18.73 16.86
N VAL A 141 17.30 -19.82 16.97
CA VAL A 141 15.84 -19.73 16.88
C VAL A 141 15.28 -18.82 17.97
N ASN A 142 15.73 -19.02 19.22
CA ASN A 142 15.24 -18.20 20.31
C ASN A 142 15.71 -16.76 20.19
N GLN A 143 16.90 -16.57 19.62
CA GLN A 143 17.39 -15.24 19.26
C GLN A 143 16.50 -14.58 18.20
N LEU A 144 16.10 -15.36 17.19
CA LEU A 144 15.32 -14.86 16.09
C LEU A 144 13.89 -14.49 16.53
N THR A 145 13.31 -15.28 17.43
CA THR A 145 11.98 -15.01 18.00
C THR A 145 12.01 -13.68 18.77
N THR A 146 12.99 -13.54 19.67
CA THR A 146 13.16 -12.29 20.44
C THR A 146 13.29 -11.08 19.52
N CYS A 147 14.03 -11.26 18.43
CA CYS A 147 14.31 -10.19 17.50
C CYS A 147 13.04 -9.77 16.74
N LEU A 148 12.32 -10.74 16.20
CA LEU A 148 11.09 -10.45 15.45
C LEU A 148 10.00 -9.83 16.31
N ASP A 149 9.88 -10.31 17.56
CA ASP A 149 8.93 -9.69 18.51
C ASP A 149 9.36 -8.24 18.82
N TYR A 150 10.66 -8.01 18.97
CA TYR A 150 11.14 -6.65 19.26
C TYR A 150 10.85 -5.70 18.09
N LEU A 151 11.17 -6.16 16.87
CA LEU A 151 10.99 -5.33 15.65
C LEU A 151 9.54 -4.83 15.49
N SER A 152 8.57 -5.59 15.99
CA SER A 152 7.15 -5.28 15.84
CA SER A 152 7.18 -5.21 15.80
C SER A 152 6.64 -4.50 17.04
N SER A 153 7.51 -4.31 18.03
CA SER A 153 7.11 -3.57 19.20
C SER A 153 7.09 -2.12 18.72
N THR A 154 6.42 -1.25 19.45
CA THR A 154 6.36 0.10 18.94
C THR A 154 6.78 0.97 20.09
N PRO A 155 8.09 0.95 20.43
CA PRO A 155 8.56 1.68 21.60
C PRO A 155 8.30 3.17 21.44
N GLN A 156 7.93 3.80 22.55
CA GLN A 156 7.72 5.25 22.56
C GLN A 156 8.56 5.95 23.61
N HIS A 157 8.95 7.18 23.33
CA HIS A 157 9.67 7.99 24.31
C HIS A 157 8.73 8.58 25.34
N PRO A 158 9.21 8.74 26.59
CA PRO A 158 8.43 9.45 27.60
C PRO A 158 8.29 10.96 27.30
N ILE A 159 7.31 11.62 27.92
CA ILE A 159 7.10 13.07 27.73
C ILE A 159 7.72 13.80 28.90
N PHE A 160 8.64 14.69 28.59
CA PHE A 160 9.27 15.54 29.60
C PHE A 160 8.53 16.88 29.58
N PRO A 161 8.48 17.58 30.73
CA PRO A 161 7.82 18.89 30.75
C PRO A 161 8.50 19.91 29.84
N ASP A 162 9.81 19.81 29.68
CA ASP A 162 10.57 20.83 28.95
C ASP A 162 11.97 20.33 28.55
N VAL A 163 12.67 21.13 27.75
CA VAL A 163 14.04 20.80 27.31
C VAL A 163 14.96 20.75 28.52
N ALA A 164 14.74 21.61 29.51
CA ALA A 164 15.60 21.58 30.70
C ALA A 164 15.60 20.21 31.39
N THR A 165 14.43 19.57 31.47
CA THR A 165 14.36 18.19 31.99
C THR A 165 15.19 17.21 31.16
N ALA A 166 15.10 17.31 29.84
CA ALA A 166 15.90 16.45 28.97
C ALA A 166 17.40 16.67 29.19
N ALA A 167 17.80 17.94 29.30
CA ALA A 167 19.18 18.28 29.57
C ALA A 167 19.65 17.70 30.90
N SER A 168 18.80 17.76 31.92
CA SER A 168 19.16 17.18 33.22
CA SER A 168 19.11 17.16 33.22
C SER A 168 19.34 15.65 33.11
N ARG A 169 18.49 14.99 32.32
CA ARG A 169 18.69 13.55 31.99
C ARG A 169 20.07 13.26 31.39
N LEU A 170 20.52 14.11 30.46
CA LEU A 170 21.84 13.94 29.82
C LEU A 170 22.97 14.10 30.84
N ARG A 171 22.84 15.10 31.73
CA ARG A 171 23.78 15.28 32.84
C ARG A 171 23.77 14.17 33.87
N GLN A 172 22.63 13.53 34.08
CA GLN A 172 22.59 12.35 34.96
C GLN A 172 23.41 11.21 34.37
N ALA A 173 23.33 11.08 33.05
CA ALA A 173 24.00 10.01 32.31
C ALA A 173 25.48 10.32 32.15
N ILE A 174 25.81 11.60 31.98
CA ILE A 174 27.22 12.01 31.81
C ILE A 174 27.50 13.17 32.75
N PRO A 175 27.87 12.87 34.01
CA PRO A 175 27.94 13.95 35.01
C PRO A 175 28.92 15.09 34.69
N SER A 176 29.89 14.86 33.81
CA SER A 176 30.85 15.92 33.48
C SER A 176 30.34 16.97 32.49
N LEU A 177 29.18 16.73 31.88
CA LEU A 177 28.56 17.73 31.00
C LEU A 177 28.28 18.99 31.79
N SER A 178 28.62 20.13 31.20
CA SER A 178 28.20 21.41 31.76
C SER A 178 26.69 21.58 31.60
N GLU A 179 26.08 22.47 32.39
CA GLU A 179 24.67 22.74 32.19
C GLU A 179 24.46 23.22 30.76
N GLU A 180 25.33 24.11 30.28
CA GLU A 180 25.18 24.69 28.96
C GLU A 180 25.24 23.61 27.88
N PHE A 181 26.25 22.75 27.94
CA PHE A 181 26.45 21.78 26.87
C PHE A 181 25.34 20.74 26.92
N SER A 182 24.90 20.34 28.12
CA SER A 182 23.78 19.40 28.25
C SER A 182 22.52 19.95 27.60
N TYR A 183 22.32 21.27 27.70
CA TYR A 183 21.17 21.89 27.06
C TYR A 183 21.32 21.98 25.54
N ILE A 184 22.49 22.41 25.06
CA ILE A 184 22.78 22.47 23.62
C ILE A 184 22.57 21.07 22.97
N LEU A 185 22.98 20.02 23.66
CA LEU A 185 22.76 18.63 23.18
C LEU A 185 21.28 18.29 23.20
N ALA A 186 20.61 18.50 24.34
CA ALA A 186 19.22 18.11 24.50
C ALA A 186 18.28 18.84 23.52
N GLN A 187 18.50 20.13 23.29
CA GLN A 187 17.60 20.87 22.41
C GLN A 187 17.66 20.36 20.97
N ARG A 188 18.80 19.80 20.57
CA ARG A 188 18.97 19.35 19.18
C ARG A 188 18.25 18.01 18.93
N ILE A 189 18.03 17.26 19.99
CA ILE A 189 17.40 15.92 19.92
C ILE A 189 16.11 15.84 20.75
N THR A 190 15.42 16.97 20.89
CA THR A 190 14.06 16.93 21.41
C THR A 190 13.07 17.56 20.45
N GLN A 191 11.81 17.18 20.59
CA GLN A 191 10.73 17.79 19.78
C GLN A 191 9.49 17.95 20.65
N PRO A 192 8.62 18.93 20.36
CA PRO A 192 7.39 19.07 21.14
C PRO A 192 6.45 17.88 20.88
N ASN A 193 5.73 17.49 21.90
CA ASN A 193 4.77 16.40 21.76
C ASN A 193 3.97 16.31 23.04
N GLN A 194 2.66 16.15 22.89
CA GLN A 194 1.76 15.87 24.01
C GLN A 194 1.89 16.87 25.16
N GLY A 195 2.08 18.14 24.79
CA GLY A 195 2.16 19.23 25.78
C GLY A 195 3.50 19.37 26.49
N GLY A 196 4.45 18.51 26.16
CA GLY A 196 5.82 18.69 26.62
C GLY A 196 6.78 18.44 25.46
N VAL A 197 7.91 17.81 25.75
CA VAL A 197 8.88 17.46 24.70
C VAL A 197 9.30 16.00 24.85
N ARG A 198 9.82 15.41 23.79
CA ARG A 198 10.35 14.06 23.89
C ARG A 198 11.58 13.95 23.01
N TRP A 199 12.42 12.93 23.26
CA TRP A 199 13.55 12.71 22.37
C TRP A 199 13.07 12.55 20.93
N SER A 200 13.92 12.99 20.00
CA SER A 200 13.57 12.97 18.59
C SER A 200 14.45 11.99 17.82
N TRP A 201 15.26 11.23 18.57
CA TRP A 201 15.96 10.10 17.93
C TRP A 201 15.00 8.91 17.89
N ASP A 202 15.35 7.84 17.18
CA ASP A 202 14.37 6.76 16.94
C ASP A 202 14.33 5.81 18.14
N ALA A 203 13.21 5.75 18.87
CA ALA A 203 13.13 4.94 20.11
C ALA A 203 13.55 3.48 19.94
N ILE A 204 13.37 2.93 18.74
CA ILE A 204 13.71 1.51 18.49
C ILE A 204 15.20 1.21 18.77
N ILE A 205 16.06 2.21 18.70
CA ILE A 205 17.50 1.98 18.89
C ILE A 205 17.90 1.81 20.35
N ARG A 206 16.97 2.07 21.28
CA ARG A 206 17.36 2.00 22.68
CA ARG A 206 17.24 1.97 22.72
C ARG A 206 17.69 0.58 23.15
N THR A 207 17.16 -0.45 22.49
CA THR A 207 17.63 -1.82 22.78
C THR A 207 18.58 -2.27 21.67
N ARG A 208 19.71 -1.59 21.56
CA ARG A 208 20.70 -1.85 20.50
C ARG A 208 21.15 -3.30 20.45
N SER A 209 21.23 -3.98 21.61
CA SER A 209 21.75 -5.35 21.62
C SER A 209 20.88 -6.27 20.75
N ILE A 210 19.57 -6.21 20.94
CA ILE A 210 18.65 -7.05 20.17
C ILE A 210 18.66 -6.70 18.66
N LEU A 211 18.85 -5.43 18.35
CA LEU A 211 18.97 -4.99 16.94
C LEU A 211 20.26 -5.43 16.27
N GLY A 212 21.19 -5.95 17.06
CA GLY A 212 22.48 -6.35 16.53
C GLY A 212 23.45 -5.23 16.29
N LEU A 213 23.19 -4.05 16.86
CA LEU A 213 24.10 -2.91 16.62
C LEU A 213 25.44 -3.00 17.38
N ASN A 214 25.55 -3.99 18.28
CA ASN A 214 26.79 -4.27 19.06
C ASN A 214 27.78 -5.14 18.29
N ASN A 215 27.41 -5.56 17.08
CA ASN A 215 28.26 -6.44 16.28
CA ASN A 215 28.28 -6.42 16.28
C ASN A 215 28.34 -6.05 14.82
N LEU A 216 29.44 -6.40 14.19
CA LEU A 216 29.64 -6.15 12.78
C LEU A 216 28.90 -7.17 11.93
N PRO A 217 28.76 -6.91 10.61
CA PRO A 217 27.94 -7.76 9.75
C PRO A 217 28.35 -9.23 9.78
N GLY A 218 29.65 -9.48 9.98
CA GLY A 218 30.18 -10.84 9.97
C GLY A 218 30.29 -11.45 11.35
N GLY A 219 29.79 -10.75 12.37
CA GLY A 219 29.83 -11.23 13.75
C GLY A 219 31.20 -11.07 14.40
N ARG A 220 31.41 -11.79 15.51
CA ARG A 220 32.65 -11.71 16.29
C ARG A 220 33.90 -12.06 15.46
N SER A 221 33.79 -13.10 14.65
CA SER A 221 34.93 -13.58 13.86
C SER A 221 35.36 -12.56 12.82
N GLN A 222 34.39 -11.87 12.19
CA GLN A 222 34.76 -10.73 11.34
C GLN A 222 35.47 -9.62 12.13
N TYR A 223 34.97 -9.33 13.32
CA TYR A 223 35.51 -8.28 14.18
C TYR A 223 36.95 -8.54 14.65
N LEU A 224 37.23 -9.73 15.18
CA LEU A 224 38.59 -10.09 15.55
C LEU A 224 39.57 -10.11 14.36
N GLU A 225 39.11 -10.58 13.20
CA GLU A 225 39.90 -10.55 11.96
CA GLU A 225 39.94 -10.55 11.98
C GLU A 225 40.27 -9.11 11.65
N MET A 226 39.26 -8.24 11.69
CA MET A 226 39.46 -6.84 11.38
C MET A 226 40.47 -6.14 12.25
N LEU A 227 40.34 -6.34 13.56
CA LEU A 227 41.24 -5.69 14.52
C LEU A 227 42.68 -6.00 14.14
N LYS A 228 43.01 -7.27 13.96
CA LYS A 228 44.41 -7.62 13.62
C LYS A 228 44.87 -7.19 12.22
N SER A 229 43.91 -6.91 11.32
CA SER A 229 44.14 -6.61 9.90
CA SER A 229 44.27 -6.63 9.94
C SER A 229 44.45 -5.15 9.62
N ILE A 230 44.09 -4.29 10.58
CA ILE A 230 44.20 -2.84 10.37
C ILE A 230 45.63 -2.48 9.97
N GLN A 231 45.75 -1.81 8.83
CA GLN A 231 47.04 -1.49 8.23
C GLN A 231 47.52 -0.09 8.55
N VAL A 232 46.62 0.74 9.08
CA VAL A 232 46.90 2.15 9.27
C VAL A 232 47.37 2.42 10.69
N PRO A 233 48.14 3.50 10.89
CA PRO A 233 48.56 3.82 12.25
C PRO A 233 47.32 4.04 13.14
N THR A 234 47.34 3.43 14.32
CA THR A 234 46.14 3.40 15.19
C THR A 234 46.53 3.69 16.62
N THR A 235 45.65 4.40 17.33
CA THR A 235 45.78 4.60 18.75
C THR A 235 44.49 4.14 19.43
N LEU A 236 44.64 3.31 20.46
CA LEU A 236 43.55 2.90 21.31
C LEU A 236 43.54 3.82 22.51
N VAL A 237 42.40 4.47 22.74
CA VAL A 237 42.26 5.43 23.83
C VAL A 237 41.21 4.94 24.81
N TYR A 238 41.56 4.86 26.10
CA TYR A 238 40.62 4.39 27.09
C TYR A 238 40.53 5.37 28.24
N GLY A 239 39.40 5.33 28.94
CA GLY A 239 39.22 6.16 30.14
C GLY A 239 39.76 5.39 31.32
N ASP A 240 40.61 6.03 32.10
CA ASP A 240 41.17 5.37 33.28
C ASP A 240 40.17 4.95 34.38
N SER A 241 38.96 5.50 34.37
CA SER A 241 37.90 4.99 35.23
C SER A 241 36.73 4.38 34.48
N SER A 242 36.89 4.09 33.17
CA SER A 242 35.80 3.46 32.43
C SER A 242 35.63 2.02 32.90
N LYS A 243 34.38 1.58 32.99
CA LYS A 243 34.10 0.16 33.22
C LYS A 243 33.67 -0.58 31.97
N LEU A 244 33.86 0.04 30.80
CA LEU A 244 33.49 -0.61 29.54
C LEU A 244 34.26 -1.92 29.37
N ASN A 245 35.58 -1.85 29.58
CA ASN A 245 36.45 -3.01 29.40
C ASN A 245 37.04 -3.47 30.72
N ARG A 246 36.81 -4.73 31.04
CA ARG A 246 37.52 -5.41 32.13
C ARG A 246 39.03 -5.54 31.80
N PRO A 247 39.89 -5.77 32.81
CA PRO A 247 41.31 -5.96 32.53
C PRO A 247 41.58 -6.98 31.41
N GLU A 248 40.85 -8.09 31.43
CA GLU A 248 41.05 -9.14 30.41
C GLU A 248 40.60 -8.70 29.02
N ASP A 249 39.60 -7.81 28.98
CA ASP A 249 39.17 -7.20 27.72
C ASP A 249 40.23 -6.27 27.17
N LEU A 250 40.81 -5.43 28.04
CA LEU A 250 41.95 -4.59 27.63
C LEU A 250 43.11 -5.45 27.10
N GLN A 251 43.39 -6.56 27.76
CA GLN A 251 44.45 -7.46 27.30
C GLN A 251 44.13 -8.12 25.98
N GLN A 252 42.89 -8.57 25.79
CA GLN A 252 42.50 -9.09 24.50
C GLN A 252 42.75 -8.06 23.40
N GLN A 253 42.40 -6.80 23.64
CA GLN A 253 42.60 -5.81 22.58
C GLN A 253 44.08 -5.54 22.30
N LYS A 254 44.87 -5.45 23.36
CA LYS A 254 46.33 -5.17 23.27
C LYS A 254 47.02 -6.30 22.54
N MET A 255 46.59 -7.52 22.83
CA MET A 255 47.22 -8.72 22.22
C MET A 255 46.76 -9.03 20.80
N THR A 256 45.69 -8.36 20.37
CA THR A 256 45.14 -8.51 19.03
C THR A 256 45.66 -7.39 18.15
N MET A 257 45.56 -6.16 18.64
CA MET A 257 46.07 -4.99 17.91
C MET A 257 47.45 -4.60 18.45
N THR A 258 48.42 -5.45 18.16
CA THR A 258 49.73 -5.34 18.79
C THR A 258 50.52 -4.15 18.25
N GLN A 259 50.08 -3.58 17.13
CA GLN A 259 50.81 -2.47 16.53
C GLN A 259 50.20 -1.12 16.92
N ALA A 260 49.08 -1.15 17.64
CA ALA A 260 48.40 0.08 18.06
C ALA A 260 49.07 0.70 19.28
N LYS A 261 49.15 2.02 19.28
CA LYS A 261 49.52 2.77 20.47
C LYS A 261 48.34 2.72 21.44
N ARG A 262 48.62 2.76 22.74
CA ARG A 262 47.55 2.72 23.75
C ARG A 262 47.72 3.88 24.70
N VAL A 263 46.63 4.59 24.94
CA VAL A 263 46.67 5.81 25.76
C VAL A 263 45.50 5.80 26.73
N PHE A 264 45.80 6.08 27.99
CA PHE A 264 44.73 6.24 28.98
C PHE A 264 44.57 7.70 29.34
N LEU A 265 43.34 8.19 29.24
CA LEU A 265 43.01 9.55 29.63
C LEU A 265 42.23 9.56 30.95
N SER A 266 42.15 10.75 31.56
CA SER A 266 41.45 10.90 32.83
C SER A 266 39.95 11.06 32.58
N GLY A 267 39.21 9.98 32.80
CA GLY A 267 37.76 10.06 32.58
C GLY A 267 37.20 8.68 32.52
N GLY A 268 35.88 8.60 32.33
CA GLY A 268 35.23 7.31 32.26
C GLY A 268 35.00 6.95 30.82
N HIS A 269 33.86 6.31 30.55
CA HIS A 269 33.54 5.88 29.20
C HIS A 269 33.40 7.08 28.24
N ASN A 270 32.78 8.15 28.72
CA ASN A 270 32.44 9.27 27.85
C ASN A 270 33.54 10.30 27.71
N LEU A 271 34.66 9.87 27.13
CA LEU A 271 35.88 10.69 27.11
C LEU A 271 35.80 11.93 26.23
N HIS A 272 34.93 11.89 25.23
CA HIS A 272 34.73 13.07 24.39
C HIS A 272 34.12 14.24 25.18
N ILE A 273 33.57 13.93 26.36
CA ILE A 273 33.05 14.94 27.28
C ILE A 273 34.03 15.09 28.44
N ASP A 274 34.36 13.97 29.08
CA ASP A 274 35.17 13.98 30.32
C ASP A 274 36.56 14.57 30.09
N ALA A 275 37.14 14.29 28.92
CA ALA A 275 38.52 14.66 28.64
C ALA A 275 38.68 15.25 27.24
N ALA A 276 37.76 16.14 26.86
CA ALA A 276 37.70 16.64 25.46
C ALA A 276 39.01 17.28 25.02
N ALA A 277 39.54 18.16 25.84
CA ALA A 277 40.79 18.84 25.52
C ALA A 277 41.97 17.87 25.36
N ALA A 278 42.11 16.94 26.30
CA ALA A 278 43.14 15.92 26.23
C ALA A 278 43.02 15.09 24.97
N LEU A 279 41.78 14.74 24.62
CA LEU A 279 41.58 13.93 23.42
C LEU A 279 41.91 14.72 22.16
N ALA A 280 41.54 16.01 22.13
CA ALA A 280 41.85 16.85 20.97
C ALA A 280 43.37 16.93 20.79
N SER A 281 44.09 17.14 21.89
CA SER A 281 45.56 17.17 21.89
C SER A 281 46.17 15.88 21.35
N LEU A 282 45.62 14.74 21.79
CA LEU A 282 46.04 13.42 21.31
C LEU A 282 45.87 13.30 19.80
N ILE A 283 44.71 13.70 19.29
CA ILE A 283 44.43 13.69 17.85
C ILE A 283 45.42 14.61 17.09
N LEU A 284 45.75 15.75 17.70
CA LEU A 284 46.68 16.72 17.11
C LEU A 284 48.11 16.19 17.05
N THR A 285 48.47 15.33 18.01
CA THR A 285 49.76 14.63 18.01
C THR A 285 49.75 13.57 16.92
N ASN B 2 -10.56 -18.55 -9.99
CA ASN B 2 -10.24 -18.04 -11.37
C ASN B 2 -8.89 -17.31 -11.42
N ALA B 3 -8.90 -16.05 -11.83
CA ALA B 3 -7.67 -15.31 -12.07
C ALA B 3 -7.01 -14.84 -10.77
N MET B 4 -5.71 -14.56 -10.88
CA MET B 4 -4.96 -14.03 -9.74
CA MET B 4 -4.97 -14.04 -9.74
C MET B 4 -5.47 -12.65 -9.37
N GLU B 5 -5.60 -12.40 -8.07
CA GLU B 5 -5.88 -11.04 -7.54
C GLU B 5 -4.61 -10.51 -6.88
N GLU B 6 -4.47 -9.18 -6.83
CA GLU B 6 -3.38 -8.58 -6.09
C GLU B 6 -3.96 -7.68 -5.01
N LYS B 7 -3.45 -7.77 -3.79
CA LYS B 7 -3.85 -6.80 -2.74
C LYS B 7 -2.57 -6.28 -2.10
N PHE B 8 -2.52 -4.99 -1.81
CA PHE B 8 -1.29 -4.41 -1.25
C PHE B 8 -1.41 -4.15 0.24
N LEU B 9 -0.31 -4.39 0.94
CA LEU B 9 -0.24 -4.22 2.40
C LEU B 9 0.95 -3.28 2.67
N GLU B 10 0.75 -2.24 3.47
CA GLU B 10 1.85 -1.30 3.78
C GLU B 10 2.66 -1.90 4.92
N PHE B 11 3.99 -1.80 4.82
CA PHE B 11 4.88 -2.30 5.87
C PHE B 11 6.17 -1.53 5.76
N GLY B 12 6.57 -0.91 6.88
CA GLY B 12 7.87 -0.25 6.99
C GLY B 12 8.09 0.87 5.97
N GLY B 13 6.99 1.50 5.52
CA GLY B 13 7.09 2.56 4.53
C GLY B 13 7.12 2.04 3.11
N ASN B 14 6.86 0.74 2.95
CA ASN B 14 6.96 0.11 1.64
C ASN B 14 5.65 -0.62 1.36
N GLN B 15 5.52 -1.19 0.17
CA GLN B 15 4.26 -1.89 -0.18
C GLN B 15 4.55 -3.33 -0.47
N ILE B 16 3.78 -4.22 0.15
CA ILE B 16 3.90 -5.66 -0.14
C ILE B 16 2.75 -6.03 -1.07
N CYS B 17 3.06 -6.63 -2.21
CA CYS B 17 1.99 -7.15 -3.09
C CYS B 17 1.67 -8.58 -2.67
N LEU B 18 0.39 -8.85 -2.37
CA LEU B 18 -0.04 -10.23 -2.10
C LEU B 18 -0.78 -10.78 -3.31
N CYS B 19 -0.23 -11.80 -3.96
CA CYS B 19 -0.94 -12.43 -5.06
C CYS B 19 -1.82 -13.50 -4.45
N SER B 20 -3.07 -13.60 -4.88
CA SER B 20 -3.94 -14.61 -4.31
CA SER B 20 -3.97 -14.57 -4.29
C SER B 20 -4.86 -15.25 -5.33
N TRP B 21 -5.23 -16.50 -5.05
CA TRP B 21 -6.17 -17.26 -5.87
C TRP B 21 -7.16 -17.88 -4.91
N GLY B 22 -8.43 -17.95 -5.32
CA GLY B 22 -9.44 -18.65 -4.53
C GLY B 22 -10.21 -17.73 -3.62
N SER B 23 -11.19 -18.28 -2.89
CA SER B 23 -12.11 -17.47 -2.08
C SER B 23 -11.48 -17.00 -0.79
N PRO B 24 -11.64 -15.71 -0.43
CA PRO B 24 -11.04 -15.14 0.78
C PRO B 24 -11.40 -15.84 2.10
N GLU B 25 -12.50 -16.59 2.13
CA GLU B 25 -12.93 -17.24 3.38
C GLU B 25 -12.40 -18.68 3.55
N HIS B 26 -11.67 -19.17 2.56
CA HIS B 26 -11.19 -20.55 2.58
C HIS B 26 -9.83 -20.69 3.29
N PRO B 27 -9.48 -21.92 3.75
CA PRO B 27 -8.22 -22.12 4.48
C PRO B 27 -7.04 -21.72 3.64
N VAL B 28 -6.02 -21.15 4.29
CA VAL B 28 -4.91 -20.52 3.57
C VAL B 28 -3.76 -21.47 3.28
N VAL B 29 -3.24 -21.39 2.05
CA VAL B 29 -1.93 -21.94 1.71
C VAL B 29 -1.03 -20.74 1.43
N LEU B 30 -0.03 -20.55 2.27
CA LEU B 30 0.89 -19.43 2.11
C LEU B 30 2.16 -19.95 1.41
N CYS B 31 2.50 -19.37 0.25
CA CYS B 31 3.60 -19.85 -0.61
C CYS B 31 4.67 -18.74 -0.70
N ILE B 32 5.93 -19.11 -0.47
CA ILE B 32 7.05 -18.17 -0.51
CA ILE B 32 7.06 -18.18 -0.51
C ILE B 32 7.97 -18.55 -1.68
N HIS B 33 8.04 -17.67 -2.68
CA HIS B 33 8.90 -17.88 -3.86
C HIS B 33 10.40 -17.72 -3.53
N GLY B 34 11.26 -18.13 -4.47
CA GLY B 34 12.71 -18.00 -4.29
C GLY B 34 13.27 -16.75 -4.96
N ILE B 35 14.59 -16.64 -4.92
CA ILE B 35 15.24 -15.40 -5.35
C ILE B 35 14.98 -15.15 -6.84
N LEU B 36 14.77 -13.87 -7.15
CA LEU B 36 14.48 -13.36 -8.49
C LEU B 36 13.11 -13.72 -9.03
N GLU B 37 12.37 -14.58 -8.33
CA GLU B 37 11.01 -14.92 -8.82
C GLU B 37 9.92 -13.97 -8.29
N GLN B 38 8.67 -14.44 -8.19
CA GLN B 38 7.55 -13.54 -7.86
C GLN B 38 6.39 -14.42 -7.46
N GLY B 39 5.40 -13.83 -6.81
CA GLY B 39 4.26 -14.63 -6.32
C GLY B 39 3.51 -15.33 -7.42
N LEU B 40 3.44 -14.69 -8.59
CA LEU B 40 2.78 -15.28 -9.74
C LEU B 40 3.41 -16.61 -10.21
N ALA B 41 4.67 -16.86 -9.84
CA ALA B 41 5.34 -18.11 -10.24
C ALA B 41 4.65 -19.34 -9.65
N TRP B 42 3.83 -19.12 -8.62
CA TRP B 42 3.10 -20.22 -7.97
C TRP B 42 1.81 -20.58 -8.67
N GLN B 43 1.48 -19.88 -9.76
CA GLN B 43 0.12 -20.02 -10.34
C GLN B 43 -0.27 -21.45 -10.69
N GLU B 44 0.66 -22.19 -11.29
CA GLU B 44 0.36 -23.56 -11.71
C GLU B 44 0.09 -24.51 -10.55
N VAL B 45 0.72 -24.26 -9.41
CA VAL B 45 0.35 -24.94 -8.15
C VAL B 45 -0.96 -24.41 -7.55
N ALA B 46 -1.16 -23.09 -7.61
CA ALA B 46 -2.27 -22.44 -6.94
C ALA B 46 -3.62 -22.80 -7.57
N LEU B 47 -3.68 -22.89 -8.91
CA LEU B 47 -4.98 -23.12 -9.57
C LEU B 47 -5.68 -24.40 -9.06
N PRO B 48 -4.98 -25.56 -9.05
CA PRO B 48 -5.66 -26.76 -8.55
C PRO B 48 -5.99 -26.69 -7.07
N LEU B 49 -5.18 -26.01 -6.27
CA LEU B 49 -5.51 -25.83 -4.83
C LEU B 49 -6.74 -24.97 -4.64
N ALA B 50 -6.83 -23.87 -5.39
CA ALA B 50 -7.97 -22.98 -5.27
C ALA B 50 -9.23 -23.71 -5.73
N ALA B 51 -9.10 -24.58 -6.73
CA ALA B 51 -10.25 -25.35 -7.24
C ALA B 51 -10.79 -26.33 -6.20
N GLN B 52 -9.92 -26.74 -5.26
CA GLN B 52 -10.31 -27.63 -4.15
C GLN B 52 -10.69 -26.92 -2.85
N GLY B 53 -10.88 -25.60 -2.93
CA GLY B 53 -11.41 -24.82 -1.81
C GLY B 53 -10.37 -24.27 -0.83
N TYR B 54 -9.21 -23.92 -1.38
CA TYR B 54 -8.16 -23.24 -0.62
C TYR B 54 -8.00 -21.84 -1.13
N ARG B 55 -7.58 -20.97 -0.21
CA ARG B 55 -7.16 -19.60 -0.49
C ARG B 55 -5.63 -19.63 -0.55
N VAL B 56 -5.07 -19.45 -1.74
CA VAL B 56 -3.61 -19.50 -1.90
C VAL B 56 -3.09 -18.07 -1.94
N VAL B 57 -2.11 -17.78 -1.09
CA VAL B 57 -1.58 -16.44 -0.98
C VAL B 57 -0.06 -16.54 -1.19
N ALA B 58 0.47 -15.73 -2.13
CA ALA B 58 1.88 -15.76 -2.46
C ALA B 58 2.37 -14.31 -2.51
N PRO B 59 3.02 -13.84 -1.44
CA PRO B 59 3.57 -12.46 -1.43
C PRO B 59 4.74 -12.36 -2.39
N ASP B 60 4.87 -11.19 -3.02
CA ASP B 60 6.12 -10.85 -3.69
C ASP B 60 7.09 -10.40 -2.59
N LEU B 61 8.28 -10.99 -2.51
CA LEU B 61 9.28 -10.50 -1.57
C LEU B 61 9.70 -9.09 -1.98
N PHE B 62 10.14 -8.25 -1.03
CA PHE B 62 10.57 -6.89 -1.40
C PHE B 62 11.61 -6.95 -2.52
N GLY B 63 11.52 -5.98 -3.43
CA GLY B 63 12.38 -5.97 -4.61
C GLY B 63 12.00 -6.92 -5.75
N HIS B 64 10.96 -7.74 -5.54
CA HIS B 64 10.54 -8.75 -6.53
C HIS B 64 9.12 -8.44 -6.96
N GLY B 65 8.76 -8.89 -8.16
CA GLY B 65 7.36 -8.82 -8.61
C GLY B 65 6.84 -7.39 -8.59
N ARG B 66 5.71 -7.19 -7.92
CA ARG B 66 5.14 -5.85 -7.74
C ARG B 66 5.31 -5.23 -6.35
N SER B 67 6.08 -5.88 -5.47
CA SER B 67 6.38 -5.27 -4.18
C SER B 67 7.40 -4.13 -4.34
N SER B 68 7.40 -3.20 -3.38
CA SER B 68 8.35 -2.07 -3.40
C SER B 68 9.79 -2.51 -3.51
N HIS B 69 10.59 -1.65 -4.16
CA HIS B 69 12.05 -1.77 -4.05
C HIS B 69 12.48 -1.03 -2.79
N LEU B 70 13.49 -1.57 -2.12
CA LEU B 70 14.01 -0.93 -0.92
C LEU B 70 15.06 0.09 -1.32
N GLU B 71 14.78 1.37 -1.01
CA GLU B 71 15.62 2.47 -1.52
C GLU B 71 16.99 2.46 -0.90
N MET B 72 17.11 1.89 0.28
CA MET B 72 18.44 1.69 0.83
C MET B 72 18.86 0.23 0.70
N VAL B 73 19.89 0.00 -0.09
CA VAL B 73 20.32 -1.37 -0.50
C VAL B 73 20.60 -2.32 0.67
N THR B 74 21.11 -1.75 1.77
CA THR B 74 21.44 -2.54 2.97
C THR B 74 20.20 -3.12 3.66
N SER B 75 19.04 -2.67 3.22
CA SER B 75 17.75 -3.16 3.74
C SER B 75 17.45 -4.56 3.25
N TYR B 76 18.05 -4.97 2.13
CA TYR B 76 17.86 -6.33 1.62
C TYR B 76 18.67 -7.32 2.44
N SER B 77 17.97 -8.10 3.25
CA SER B 77 18.62 -9.08 4.12
C SER B 77 17.60 -10.17 4.38
N SER B 78 18.07 -11.34 4.82
CA SER B 78 17.15 -12.41 5.22
CA SER B 78 17.15 -12.41 5.22
C SER B 78 16.23 -11.93 6.35
N LEU B 79 16.76 -11.14 7.28
CA LEU B 79 15.93 -10.64 8.40
C LEU B 79 14.77 -9.75 7.91
N THR B 80 15.07 -8.83 6.99
CA THR B 80 14.02 -8.05 6.33
C THR B 80 12.97 -8.94 5.67
N PHE B 81 13.39 -9.93 4.88
CA PHE B 81 12.38 -10.84 4.29
C PHE B 81 11.60 -11.59 5.35
N LEU B 82 12.27 -12.00 6.43
CA LEU B 82 11.56 -12.71 7.50
CA LEU B 82 11.58 -12.72 7.49
C LEU B 82 10.54 -11.82 8.17
N ALA B 83 10.90 -10.56 8.42
CA ALA B 83 9.97 -9.62 9.03
C ALA B 83 8.76 -9.39 8.10
N GLN B 84 9.02 -9.32 6.79
CA GLN B 84 7.98 -9.14 5.80
C GLN B 84 7.02 -10.32 5.85
N ILE B 85 7.56 -11.55 5.86
CA ILE B 85 6.68 -12.74 5.94
C ILE B 85 5.87 -12.79 7.27
N ASP B 86 6.52 -12.46 8.39
CA ASP B 86 5.82 -12.34 9.70
C ASP B 86 4.68 -11.33 9.60
N ARG B 87 4.94 -10.18 8.97
CA ARG B 87 3.87 -9.19 8.77
C ARG B 87 2.69 -9.75 7.96
N VAL B 88 2.99 -10.50 6.89
CA VAL B 88 1.95 -11.11 6.05
C VAL B 88 1.12 -12.11 6.88
N ILE B 89 1.78 -12.91 7.69
CA ILE B 89 1.07 -13.86 8.57
C ILE B 89 0.12 -13.14 9.52
N GLN B 90 0.60 -12.03 10.10
CA GLN B 90 -0.23 -11.24 11.01
C GLN B 90 -1.48 -10.72 10.31
N GLU B 91 -1.43 -10.58 9.00
CA GLU B 91 -2.54 -10.08 8.21
C GLU B 91 -3.56 -11.18 7.87
N LEU B 92 -3.13 -12.44 7.93
CA LEU B 92 -3.98 -13.57 7.57
C LEU B 92 -4.83 -13.99 8.76
N PRO B 93 -5.88 -14.79 8.52
CA PRO B 93 -6.72 -15.27 9.62
C PRO B 93 -5.93 -16.02 10.68
N ASP B 94 -6.41 -15.97 11.92
CA ASP B 94 -5.77 -16.63 13.04
C ASP B 94 -6.18 -18.10 13.15
N GLN B 95 -5.72 -18.89 12.16
CA GLN B 95 -5.94 -20.33 12.07
C GLN B 95 -4.64 -20.92 11.50
N PRO B 96 -4.15 -22.03 12.08
CA PRO B 96 -2.93 -22.65 11.52
C PRO B 96 -3.06 -22.92 10.02
N LEU B 97 -2.02 -22.54 9.27
CA LEU B 97 -2.11 -22.57 7.80
C LEU B 97 -1.05 -23.50 7.21
N LEU B 98 -1.16 -23.75 5.92
CA LEU B 98 -0.18 -24.56 5.21
C LEU B 98 0.85 -23.61 4.66
N LEU B 99 2.13 -23.82 5.01
CA LEU B 99 3.21 -22.94 4.59
C LEU B 99 4.10 -23.70 3.63
N VAL B 100 4.30 -23.14 2.42
CA VAL B 100 5.05 -23.81 1.36
C VAL B 100 6.14 -22.84 0.92
N GLY B 101 7.35 -23.31 0.71
CA GLY B 101 8.44 -22.42 0.26
C GLY B 101 9.28 -23.15 -0.74
N HIS B 102 9.84 -22.42 -1.70
CA HIS B 102 10.70 -23.02 -2.72
C HIS B 102 12.10 -22.40 -2.67
N SER B 103 13.12 -23.24 -2.56
CA SER B 103 14.55 -22.78 -2.55
C SER B 103 14.83 -21.74 -1.45
N MET B 104 15.29 -20.52 -1.78
CA MET B 104 15.36 -19.47 -0.73
C MET B 104 14.05 -19.31 0.06
N GLY B 105 12.92 -19.43 -0.61
CA GLY B 105 11.64 -19.36 0.06
C GLY B 105 11.43 -20.49 1.06
N ALA B 106 12.01 -21.66 0.79
CA ALA B 106 11.95 -22.77 1.74
C ALA B 106 12.79 -22.46 2.97
N MET B 107 13.96 -21.85 2.76
CA MET B 107 14.81 -21.41 3.88
C MET B 107 14.03 -20.41 4.73
N LEU B 108 13.40 -19.42 4.08
CA LEU B 108 12.60 -18.43 4.83
C LEU B 108 11.43 -19.08 5.58
N ALA B 109 10.80 -20.04 4.92
CA ALA B 109 9.70 -20.78 5.52
C ALA B 109 10.17 -21.52 6.76
N THR B 110 11.35 -22.14 6.72
CA THR B 110 11.85 -22.83 7.93
CA THR B 110 11.84 -22.83 7.91
C THR B 110 12.07 -21.86 9.09
N ALA B 111 12.57 -20.68 8.78
CA ALA B 111 12.83 -19.72 9.83
C ALA B 111 11.54 -19.23 10.44
N ILE B 112 10.55 -18.93 9.62
CA ILE B 112 9.29 -18.44 10.18
C ILE B 112 8.55 -19.54 10.97
N ALA B 113 8.62 -20.78 10.50
CA ALA B 113 8.04 -21.93 11.22
C ALA B 113 8.73 -22.17 12.54
N SER B 114 10.02 -21.84 12.62
CA SER B 114 10.77 -21.99 13.87
C SER B 114 10.34 -20.94 14.90
N VAL B 115 9.98 -19.76 14.41
CA VAL B 115 9.57 -18.62 15.23
C VAL B 115 8.08 -18.64 15.60
N ARG B 116 7.22 -19.05 14.66
CA ARG B 116 5.78 -19.01 14.86
C ARG B 116 5.16 -20.42 14.67
N PRO B 117 5.65 -21.43 15.39
CA PRO B 117 5.14 -22.78 15.13
C PRO B 117 3.64 -22.96 15.30
N LYS B 118 3.02 -22.24 16.23
CA LYS B 118 1.58 -22.44 16.47
C LYS B 118 0.74 -22.00 15.27
N LYS B 119 1.33 -21.18 14.40
CA LYS B 119 0.64 -20.67 13.22
C LYS B 119 0.66 -21.63 12.03
N ILE B 120 1.41 -22.70 12.13
CA ILE B 120 1.71 -23.52 10.94
C ILE B 120 1.17 -24.94 11.10
N LYS B 121 0.19 -25.29 10.28
CA LYS B 121 -0.40 -26.65 10.33
C LYS B 121 0.57 -27.67 9.74
N GLU B 122 1.14 -27.35 8.59
CA GLU B 122 2.15 -28.20 7.93
C GLU B 122 3.13 -27.31 7.20
N LEU B 123 4.40 -27.70 7.26
CA LEU B 123 5.48 -26.99 6.60
C LEU B 123 5.95 -27.81 5.42
N ILE B 124 5.85 -27.26 4.22
CA ILE B 124 6.18 -27.98 2.98
C ILE B 124 7.40 -27.28 2.37
N LEU B 125 8.54 -27.98 2.38
CA LEU B 125 9.82 -27.38 2.00
C LEU B 125 10.25 -27.94 0.67
N VAL B 126 10.11 -27.13 -0.38
CA VAL B 126 10.40 -27.61 -1.73
C VAL B 126 11.80 -27.18 -2.10
N GLU B 127 12.68 -28.15 -2.30
CA GLU B 127 14.08 -27.90 -2.68
C GLU B 127 14.79 -26.99 -1.69
N LEU B 128 14.82 -27.46 -0.44
CA LEU B 128 15.47 -26.75 0.65
C LEU B 128 16.97 -26.81 0.47
N PRO B 129 17.64 -25.63 0.42
CA PRO B 129 19.10 -25.67 0.32
C PRO B 129 19.77 -25.83 1.69
N LEU B 130 21.06 -26.14 1.70
CA LEU B 130 21.83 -26.07 2.93
C LEU B 130 22.99 -25.14 2.63
N PRO B 131 23.35 -24.29 3.59
CA PRO B 131 24.57 -23.47 3.47
C PRO B 131 25.81 -24.36 3.34
N ALA B 132 26.75 -23.94 2.49
CA ALA B 132 28.01 -24.66 2.33
C ALA B 132 28.84 -24.64 3.61
N GLU B 133 29.60 -25.69 3.84
CA GLU B 133 30.61 -25.72 4.88
C GLU B 133 31.65 -24.67 4.48
N GLU B 134 31.82 -23.65 5.32
CA GLU B 134 32.68 -22.50 5.02
C GLU B 134 34.15 -22.74 5.39
N SER B 135 35.06 -22.22 4.58
CA SER B 135 36.51 -22.24 4.86
C SER B 135 36.82 -21.46 6.14
N LYS B 136 37.86 -21.87 6.87
CA LYS B 136 38.25 -21.15 8.07
C LYS B 136 39.33 -20.13 7.74
N LYS B 137 39.66 -20.01 6.45
CA LYS B 137 40.55 -18.95 6.01
C LYS B 137 39.89 -17.58 6.28
N GLU B 138 40.69 -16.63 6.74
CA GLU B 138 40.16 -15.31 7.02
C GLU B 138 39.89 -14.57 5.70
N SER B 139 38.63 -14.26 5.47
CA SER B 139 38.25 -13.52 4.26
C SER B 139 37.23 -12.43 4.58
N ALA B 140 37.04 -12.15 5.87
CA ALA B 140 35.93 -11.29 6.27
C ALA B 140 36.14 -9.81 5.89
N VAL B 141 37.39 -9.36 5.94
CA VAL B 141 37.73 -8.01 5.44
C VAL B 141 37.47 -7.94 3.92
N ASN B 142 37.93 -8.95 3.18
CA ASN B 142 37.68 -8.94 1.75
C ASN B 142 36.19 -9.00 1.46
N GLN B 143 35.45 -9.78 2.25
CA GLN B 143 34.00 -9.94 2.03
C GLN B 143 33.28 -8.62 2.26
N LEU B 144 33.65 -7.91 3.32
CA LEU B 144 33.02 -6.62 3.59
C LEU B 144 33.38 -5.59 2.50
N THR B 145 34.61 -5.64 2.03
CA THR B 145 35.02 -4.72 0.96
C THR B 145 34.18 -4.94 -0.30
N THR B 146 34.09 -6.20 -0.72
CA THR B 146 33.30 -6.57 -1.89
C THR B 146 31.84 -6.15 -1.70
N CYS B 147 31.34 -6.33 -0.49
CA CYS B 147 29.95 -5.99 -0.18
C CYS B 147 29.69 -4.46 -0.23
N LEU B 148 30.56 -3.68 0.41
CA LEU B 148 30.44 -2.22 0.42
CA LEU B 148 30.39 -2.23 0.42
C LEU B 148 30.56 -1.63 -0.98
N ASP B 149 31.48 -2.17 -1.77
CA ASP B 149 31.64 -1.72 -3.17
C ASP B 149 30.38 -2.06 -3.95
N TYR B 150 29.84 -3.25 -3.71
CA TYR B 150 28.62 -3.65 -4.43
C TYR B 150 27.41 -2.79 -4.05
N LEU B 151 27.21 -2.60 -2.74
CA LEU B 151 26.13 -1.76 -2.20
C LEU B 151 26.08 -0.36 -2.82
N SER B 152 27.25 0.14 -3.26
CA SER B 152 27.29 1.48 -3.81
C SER B 152 27.35 1.47 -5.32
N SER B 153 27.30 0.26 -5.90
CA SER B 153 27.23 0.15 -7.34
C SER B 153 25.78 0.37 -7.76
N THR B 154 25.58 0.67 -9.02
CA THR B 154 24.22 0.91 -9.47
C THR B 154 24.03 0.03 -10.68
N PRO B 155 23.96 -1.31 -10.46
CA PRO B 155 23.84 -2.23 -11.61
C PRO B 155 22.57 -1.95 -12.41
N GLN B 156 22.70 -2.00 -13.73
CA GLN B 156 21.60 -1.76 -14.64
C GLN B 156 21.15 -3.08 -15.24
N HIS B 157 19.84 -3.23 -15.41
CA HIS B 157 19.31 -4.40 -16.09
C HIS B 157 19.57 -4.27 -17.59
N PRO B 158 19.63 -5.42 -18.30
CA PRO B 158 19.67 -5.40 -19.75
C PRO B 158 18.36 -4.85 -20.31
N ILE B 159 18.46 -4.25 -21.49
CA ILE B 159 17.29 -3.73 -22.18
C ILE B 159 16.95 -4.74 -23.28
N PHE B 160 15.80 -5.40 -23.15
CA PHE B 160 15.32 -6.36 -24.14
C PHE B 160 14.52 -5.59 -25.17
N PRO B 161 14.50 -6.07 -26.40
CA PRO B 161 13.72 -5.36 -27.42
C PRO B 161 12.20 -5.44 -27.20
N ASP B 162 11.74 -6.51 -26.54
CA ASP B 162 10.31 -6.73 -26.30
C ASP B 162 10.05 -7.75 -25.18
N VAL B 163 8.79 -7.89 -24.77
CA VAL B 163 8.45 -8.79 -23.67
C VAL B 163 8.68 -10.23 -24.07
N ALA B 164 8.45 -10.56 -25.35
CA ALA B 164 8.67 -11.92 -25.86
C ALA B 164 10.11 -12.38 -25.64
N THR B 165 11.06 -11.46 -25.78
CA THR B 165 12.48 -11.77 -25.55
C THR B 165 12.75 -12.06 -24.07
N ALA B 166 12.11 -11.29 -23.18
CA ALA B 166 12.24 -11.52 -21.75
C ALA B 166 11.62 -12.86 -21.41
N ALA B 167 10.46 -13.14 -22.00
CA ALA B 167 9.83 -14.45 -21.75
C ALA B 167 10.71 -15.60 -22.22
N SER B 168 11.37 -15.44 -23.36
CA SER B 168 12.28 -16.48 -23.87
CA SER B 168 12.27 -16.49 -23.85
C SER B 168 13.40 -16.76 -22.87
N ARG B 169 13.93 -15.70 -22.26
CA ARG B 169 14.94 -15.85 -21.23
C ARG B 169 14.41 -16.63 -20.03
N LEU B 170 13.17 -16.36 -19.62
CA LEU B 170 12.59 -17.17 -18.53
C LEU B 170 12.47 -18.66 -18.90
N ARG B 171 12.03 -18.93 -20.14
CA ARG B 171 11.83 -20.28 -20.66
CA ARG B 171 11.83 -20.30 -20.59
C ARG B 171 13.15 -21.04 -20.76
N GLN B 172 14.22 -20.33 -21.12
CA GLN B 172 15.53 -20.97 -21.18
CA GLN B 172 15.57 -20.90 -21.18
C GLN B 172 15.99 -21.38 -19.79
N ALA B 173 15.67 -20.57 -18.78
CA ALA B 173 16.02 -20.83 -17.37
C ALA B 173 15.21 -21.98 -16.79
N ILE B 174 13.95 -22.07 -17.21
CA ILE B 174 13.03 -23.13 -16.75
C ILE B 174 12.30 -23.74 -17.97
N PRO B 175 12.92 -24.75 -18.62
CA PRO B 175 12.44 -25.28 -19.89
C PRO B 175 11.02 -25.83 -19.85
N SER B 176 10.60 -26.31 -18.69
CA SER B 176 9.23 -26.82 -18.57
C SER B 176 8.17 -25.72 -18.61
N LEU B 177 8.57 -24.44 -18.49
CA LEU B 177 7.59 -23.35 -18.63
C LEU B 177 6.93 -23.40 -20.00
N SER B 178 5.60 -23.31 -20.05
CA SER B 178 4.94 -23.18 -21.34
C SER B 178 5.26 -21.82 -21.92
N GLU B 179 5.16 -21.70 -23.24
CA GLU B 179 5.27 -20.39 -23.85
C GLU B 179 4.30 -19.42 -23.17
N GLU B 180 3.08 -19.88 -22.91
CA GLU B 180 2.04 -19.03 -22.34
C GLU B 180 2.39 -18.50 -20.94
N PHE B 181 2.88 -19.39 -20.06
CA PHE B 181 3.15 -19.04 -18.68
C PHE B 181 4.41 -18.18 -18.65
N SER B 182 5.39 -18.52 -19.49
CA SER B 182 6.61 -17.69 -19.57
C SER B 182 6.24 -16.24 -19.94
N TYR B 183 5.30 -16.10 -20.85
CA TYR B 183 4.84 -14.78 -21.24
C TYR B 183 4.11 -14.05 -20.12
N ILE B 184 3.17 -14.73 -19.46
CA ILE B 184 2.45 -14.18 -18.31
C ILE B 184 3.43 -13.64 -17.20
N LEU B 185 4.46 -14.41 -16.92
CA LEU B 185 5.47 -14.03 -15.91
C LEU B 185 6.25 -12.79 -16.35
N ALA B 186 6.71 -12.80 -17.60
CA ALA B 186 7.49 -11.65 -18.13
C ALA B 186 6.67 -10.36 -18.20
N GLN B 187 5.41 -10.48 -18.64
CA GLN B 187 4.42 -9.41 -18.64
C GLN B 187 4.35 -8.70 -17.30
N ARG B 188 4.39 -9.46 -16.22
CA ARG B 188 4.25 -8.88 -14.90
C ARG B 188 5.51 -8.13 -14.44
N ILE B 189 6.67 -8.60 -14.88
CA ILE B 189 7.94 -8.09 -14.37
C ILE B 189 8.81 -7.42 -15.41
N THR B 190 8.19 -6.81 -16.40
CA THR B 190 8.93 -5.93 -17.33
C THR B 190 8.30 -4.54 -17.37
N GLN B 191 9.10 -3.56 -17.80
CA GLN B 191 8.64 -2.19 -17.91
C GLN B 191 9.47 -1.51 -18.99
N PRO B 192 8.89 -0.50 -19.67
CA PRO B 192 9.65 0.21 -20.70
C PRO B 192 10.88 0.92 -20.12
N ASN B 193 11.97 0.90 -20.88
CA ASN B 193 13.21 1.56 -20.49
C ASN B 193 14.16 1.66 -21.68
N GLN B 194 14.68 2.87 -21.90
CA GLN B 194 15.77 3.10 -22.86
C GLN B 194 15.51 2.48 -24.24
N GLY B 195 14.26 2.56 -24.72
CA GLY B 195 13.90 2.05 -26.03
C GLY B 195 13.37 0.64 -26.15
N GLY B 196 13.48 -0.15 -25.08
CA GLY B 196 12.92 -1.49 -25.06
C GLY B 196 12.23 -1.72 -23.72
N VAL B 197 12.44 -2.90 -23.14
CA VAL B 197 11.87 -3.19 -21.82
C VAL B 197 12.95 -3.81 -20.93
N ARG B 198 12.83 -3.59 -19.64
CA ARG B 198 13.78 -4.15 -18.69
C ARG B 198 13.00 -4.85 -17.61
N TRP B 199 13.68 -5.71 -16.84
CA TRP B 199 13.07 -6.27 -15.66
C TRP B 199 12.65 -5.18 -14.67
N SER B 200 11.52 -5.39 -14.00
CA SER B 200 11.02 -4.37 -13.09
C SER B 200 11.25 -4.73 -11.60
N TRP B 201 11.88 -5.88 -11.38
CA TRP B 201 12.42 -6.20 -10.05
C TRP B 201 13.76 -5.44 -9.84
N ASP B 202 14.25 -5.42 -8.60
CA ASP B 202 15.38 -4.54 -8.25
C ASP B 202 16.69 -5.16 -8.67
N ALA B 203 17.40 -4.55 -9.63
CA ALA B 203 18.66 -5.14 -10.14
C ALA B 203 19.72 -5.44 -9.08
N ILE B 204 19.67 -4.74 -7.95
CA ILE B 204 20.68 -4.98 -6.90
C ILE B 204 20.60 -6.40 -6.30
N ILE B 205 19.43 -7.05 -6.41
CA ILE B 205 19.18 -8.32 -5.75
CA ILE B 205 19.26 -8.32 -5.70
C ILE B 205 19.98 -9.46 -6.37
N ARG B 206 20.26 -9.35 -7.66
CA ARG B 206 21.05 -10.39 -8.33
C ARG B 206 22.50 -10.34 -7.84
N THR B 207 22.82 -11.11 -6.81
CA THR B 207 24.16 -11.11 -6.22
C THR B 207 24.31 -12.10 -5.05
N ILE B 210 27.10 -12.28 -2.38
CA ILE B 210 27.85 -11.03 -2.19
C ILE B 210 27.11 -10.08 -1.24
N LEU B 211 25.77 -10.18 -1.22
CA LEU B 211 24.98 -9.48 -0.21
C LEU B 211 24.61 -10.39 0.97
N GLY B 212 24.83 -11.70 0.80
CA GLY B 212 24.51 -12.69 1.83
C GLY B 212 23.01 -12.87 2.03
N LEU B 213 22.25 -12.56 0.98
CA LEU B 213 20.79 -12.62 0.98
C LEU B 213 20.25 -14.03 1.18
N ASN B 214 20.96 -15.00 0.63
CA ASN B 214 20.53 -16.40 0.58
C ASN B 214 20.36 -17.07 1.95
N ASN B 215 21.10 -16.60 2.95
CA ASN B 215 21.08 -17.23 4.28
C ASN B 215 21.15 -16.25 5.45
N LEU B 216 20.71 -16.73 6.62
CA LEU B 216 20.77 -15.97 7.88
C LEU B 216 22.18 -15.96 8.45
N PRO B 217 22.45 -15.12 9.50
CA PRO B 217 23.75 -15.20 10.18
C PRO B 217 23.89 -16.47 11.03
N GLY B 218 25.01 -17.19 10.84
CA GLY B 218 25.27 -18.40 11.63
C GLY B 218 26.12 -19.48 10.98
N GLY B 219 25.90 -19.74 9.69
CA GLY B 219 26.60 -20.81 8.96
C GLY B 219 25.87 -22.16 8.97
N ARG B 220 26.41 -23.13 8.24
CA ARG B 220 25.82 -24.47 8.11
C ARG B 220 25.41 -25.08 9.45
N SER B 221 26.35 -25.07 10.40
CA SER B 221 26.13 -25.66 11.73
C SER B 221 24.92 -25.06 12.46
N GLN B 222 24.88 -23.73 12.53
CA GLN B 222 23.78 -23.02 13.18
C GLN B 222 22.44 -23.31 12.49
N TYR B 223 22.45 -23.33 11.16
CA TYR B 223 21.24 -23.59 10.38
C TYR B 223 20.66 -24.97 10.68
N LEU B 224 21.52 -25.98 10.77
CA LEU B 224 21.07 -27.33 11.12
C LEU B 224 20.42 -27.34 12.49
N GLU B 225 20.93 -26.53 13.42
CA GLU B 225 20.31 -26.46 14.73
C GLU B 225 18.90 -25.90 14.63
N MET B 226 18.70 -24.93 13.74
CA MET B 226 17.36 -24.40 13.47
C MET B 226 16.47 -25.52 12.95
N LEU B 227 16.95 -26.24 11.94
CA LEU B 227 16.19 -27.35 11.33
C LEU B 227 15.83 -28.42 12.37
N LYS B 228 16.78 -28.72 13.24
CA LYS B 228 16.59 -29.71 14.29
C LYS B 228 15.46 -29.32 15.24
N SER B 229 15.29 -28.01 15.44
CA SER B 229 14.34 -27.45 16.43
C SER B 229 12.89 -27.40 15.95
N ILE B 230 12.68 -27.53 14.64
CA ILE B 230 11.33 -27.37 14.12
CA ILE B 230 11.36 -27.43 14.01
C ILE B 230 10.41 -28.45 14.64
N GLN B 231 9.33 -27.98 15.28
CA GLN B 231 8.37 -28.88 15.94
C GLN B 231 7.12 -29.17 15.11
N VAL B 232 6.93 -28.35 14.08
CA VAL B 232 5.76 -28.49 13.24
CA VAL B 232 5.81 -28.39 13.14
C VAL B 232 5.90 -29.65 12.25
N PRO B 233 4.75 -30.27 11.89
CA PRO B 233 4.80 -31.36 10.91
C PRO B 233 5.36 -30.88 9.58
N THR B 234 6.31 -31.64 9.03
CA THR B 234 7.11 -31.11 7.92
C THR B 234 7.22 -32.14 6.82
N THR B 235 7.19 -31.67 5.56
CA THR B 235 7.45 -32.50 4.39
C THR B 235 8.56 -31.87 3.58
N LEU B 236 9.65 -32.64 3.41
CA LEU B 236 10.75 -32.27 2.52
C LEU B 236 10.47 -32.77 1.11
N VAL B 237 10.40 -31.85 0.16
CA VAL B 237 10.09 -32.22 -1.22
C VAL B 237 11.29 -31.97 -2.12
N TYR B 238 11.70 -32.99 -2.86
CA TYR B 238 12.85 -32.85 -3.76
C TYR B 238 12.54 -33.27 -5.18
N GLY B 239 13.25 -32.68 -6.12
CA GLY B 239 13.17 -33.10 -7.51
C GLY B 239 14.11 -34.28 -7.74
N ASP B 240 13.62 -35.33 -8.40
CA ASP B 240 14.43 -36.52 -8.57
C ASP B 240 15.60 -36.29 -9.55
N SER B 241 15.52 -35.21 -10.34
CA SER B 241 16.65 -34.83 -11.19
C SER B 241 17.29 -33.48 -10.79
N SER B 242 16.92 -32.96 -9.63
CA SER B 242 17.56 -31.74 -9.12
C SER B 242 19.00 -32.02 -8.68
N LYS B 243 19.87 -31.04 -8.92
CA LYS B 243 21.25 -31.16 -8.52
C LYS B 243 21.56 -30.21 -7.36
N LEU B 244 20.52 -29.57 -6.82
CA LEU B 244 20.67 -28.66 -5.69
C LEU B 244 21.34 -29.36 -4.50
N ASN B 245 20.81 -30.52 -4.12
CA ASN B 245 21.33 -31.23 -2.97
C ASN B 245 22.12 -32.45 -3.41
N ARG B 246 23.38 -32.47 -3.00
CA ARG B 246 24.23 -33.65 -3.17
C ARG B 246 23.70 -34.74 -2.24
N PRO B 247 24.08 -36.01 -2.46
CA PRO B 247 23.62 -37.08 -1.58
C PRO B 247 23.91 -36.81 -0.09
N GLU B 248 25.09 -36.25 0.21
CA GLU B 248 25.43 -35.87 1.59
C GLU B 248 24.51 -34.78 2.17
N ASP B 249 24.04 -33.87 1.32
CA ASP B 249 23.12 -32.82 1.76
C ASP B 249 21.74 -33.41 2.05
N LEU B 250 21.28 -34.31 1.18
CA LEU B 250 20.01 -35.03 1.41
C LEU B 250 20.09 -35.83 2.69
N GLN B 251 21.22 -36.53 2.88
CA GLN B 251 21.47 -37.30 4.09
C GLN B 251 21.47 -36.40 5.33
N GLN B 252 22.17 -35.27 5.24
CA GLN B 252 22.21 -34.32 6.34
C GLN B 252 20.83 -33.83 6.74
N GLN B 253 20.02 -33.43 5.76
CA GLN B 253 18.66 -32.98 6.05
C GLN B 253 17.82 -34.05 6.72
N LYS B 254 17.96 -35.29 6.26
CA LYS B 254 17.20 -36.42 6.81
C LYS B 254 17.63 -36.71 8.25
N MET B 255 18.94 -36.65 8.51
CA MET B 255 19.51 -36.90 9.85
C MET B 255 19.12 -35.81 10.85
N THR B 256 19.04 -34.58 10.38
CA THR B 256 18.71 -33.45 11.21
C THR B 256 17.23 -33.37 11.55
N MET B 257 16.39 -33.58 10.52
CA MET B 257 14.95 -33.43 10.67
C MET B 257 14.33 -34.83 10.63
N THR B 258 14.51 -35.59 11.72
CA THR B 258 14.16 -37.03 11.76
C THR B 258 12.66 -37.31 11.67
N GLN B 259 11.85 -36.31 11.99
CA GLN B 259 10.39 -36.45 11.94
C GLN B 259 9.78 -35.98 10.63
N ALA B 260 10.58 -35.36 9.77
CA ALA B 260 10.08 -34.89 8.46
C ALA B 260 9.74 -36.04 7.52
N LYS B 261 8.61 -35.90 6.84
CA LYS B 261 8.28 -36.77 5.73
C LYS B 261 9.14 -36.34 4.54
N ARG B 262 9.44 -37.28 3.65
CA ARG B 262 10.32 -36.97 2.51
C ARG B 262 9.71 -37.48 1.23
N VAL B 263 9.73 -36.65 0.18
CA VAL B 263 9.14 -37.08 -1.08
C VAL B 263 9.97 -36.62 -2.28
N PHE B 264 10.05 -37.49 -3.28
CA PHE B 264 10.70 -37.14 -4.52
C PHE B 264 9.69 -37.04 -5.65
N LEU B 265 9.62 -35.87 -6.25
CA LEU B 265 8.72 -35.61 -7.35
C LEU B 265 9.51 -35.68 -8.64
N SER B 266 8.81 -35.90 -9.74
CA SER B 266 9.47 -36.03 -11.03
C SER B 266 9.78 -34.64 -11.58
N GLY B 267 11.05 -34.25 -11.51
CA GLY B 267 11.48 -32.96 -12.03
C GLY B 267 12.79 -32.51 -11.43
N GLY B 268 13.23 -31.33 -11.84
CA GLY B 268 14.49 -30.75 -11.35
C GLY B 268 14.26 -29.79 -10.19
N HIS B 269 15.06 -28.73 -10.13
CA HIS B 269 15.00 -27.78 -9.03
C HIS B 269 13.67 -27.03 -9.01
N ASN B 270 13.15 -26.77 -10.20
CA ASN B 270 12.00 -25.86 -10.32
C ASN B 270 10.67 -26.61 -10.33
N LEU B 271 10.40 -27.29 -9.22
CA LEU B 271 9.24 -28.17 -9.10
C LEU B 271 7.91 -27.44 -9.16
N HIS B 272 7.89 -26.16 -8.78
CA HIS B 272 6.67 -25.37 -8.88
C HIS B 272 6.22 -25.21 -10.33
N ILE B 273 7.12 -25.48 -11.28
CA ILE B 273 6.78 -25.44 -12.69
C ILE B 273 6.77 -26.87 -13.26
N ASP B 274 7.82 -27.63 -12.95
CA ASP B 274 8.06 -28.97 -13.52
C ASP B 274 7.01 -29.99 -13.09
N ALA B 275 6.53 -29.85 -11.87
CA ALA B 275 5.68 -30.87 -11.22
C ALA B 275 4.54 -30.20 -10.45
N ALA B 276 3.98 -29.15 -11.04
CA ALA B 276 3.04 -28.28 -10.32
C ALA B 276 1.82 -29.05 -9.81
N ALA B 277 1.20 -29.87 -10.67
CA ALA B 277 0.01 -30.63 -10.26
C ALA B 277 0.36 -31.60 -9.12
N ALA B 278 1.51 -32.27 -9.24
CA ALA B 278 1.96 -33.21 -8.20
C ALA B 278 2.21 -32.51 -6.89
N LEU B 279 2.83 -31.33 -6.94
CA LEU B 279 3.05 -30.56 -5.74
C LEU B 279 1.72 -30.11 -5.10
N ALA B 280 0.77 -29.65 -5.90
CA ALA B 280 -0.54 -29.29 -5.36
C ALA B 280 -1.17 -30.49 -4.65
N SER B 281 -1.06 -31.65 -5.30
CA SER B 281 -1.65 -32.88 -4.78
CA SER B 281 -1.65 -32.88 -4.78
C SER B 281 -1.04 -33.22 -3.43
N LEU B 282 0.28 -33.09 -3.33
CA LEU B 282 0.96 -33.33 -2.07
C LEU B 282 0.50 -32.38 -0.94
N ILE B 283 0.35 -31.11 -1.27
CA ILE B 283 -0.14 -30.10 -0.33
C ILE B 283 -1.57 -30.44 0.15
N LEU B 284 -2.40 -30.89 -0.79
CA LEU B 284 -3.81 -31.23 -0.53
C LEU B 284 -3.96 -32.40 0.43
N THR B 285 -2.95 -33.26 0.47
CA THR B 285 -3.02 -34.46 1.29
C THR B 285 -2.41 -34.28 2.67
N SER B 286 -1.80 -33.12 2.93
CA SER B 286 -1.18 -32.85 4.22
C SER B 286 -2.24 -32.77 5.32
N ASN C 2 -30.68 -7.71 27.35
CA ASN C 2 -30.85 -6.27 26.98
C ASN C 2 -29.71 -5.73 26.12
N ALA C 3 -28.61 -6.47 26.07
CA ALA C 3 -27.39 -6.00 25.42
C ALA C 3 -27.50 -6.03 23.91
N MET C 4 -26.78 -5.11 23.26
CA MET C 4 -26.66 -5.07 21.80
C MET C 4 -26.12 -6.40 21.29
N GLU C 5 -26.79 -6.97 20.30
CA GLU C 5 -26.29 -8.14 19.57
C GLU C 5 -25.65 -7.62 18.29
N GLU C 6 -24.55 -8.25 17.87
CA GLU C 6 -23.94 -7.88 16.60
C GLU C 6 -23.83 -9.09 15.68
N LYS C 7 -24.15 -8.88 14.40
CA LYS C 7 -24.19 -9.97 13.43
C LYS C 7 -23.71 -9.40 12.10
N PHE C 8 -22.97 -10.20 11.34
CA PHE C 8 -22.48 -9.73 10.03
C PHE C 8 -23.26 -10.31 8.87
N LEU C 9 -23.41 -9.47 7.85
CA LEU C 9 -24.14 -9.80 6.62
C LEU C 9 -23.25 -9.49 5.42
N GLU C 10 -23.00 -10.50 4.58
CA GLU C 10 -22.16 -10.34 3.39
C GLU C 10 -22.92 -9.57 2.33
N PHE C 11 -22.25 -8.57 1.75
CA PHE C 11 -22.84 -7.79 0.66
C PHE C 11 -21.75 -7.25 -0.26
N GLY C 12 -21.79 -7.65 -1.53
CA GLY C 12 -20.84 -7.13 -2.55
C GLY C 12 -19.38 -7.39 -2.27
N GLY C 13 -19.10 -8.54 -1.64
CA GLY C 13 -17.74 -8.88 -1.25
C GLY C 13 -17.29 -8.20 0.03
N ASN C 14 -18.23 -7.50 0.68
CA ASN C 14 -17.95 -6.77 1.91
C ASN C 14 -18.80 -7.32 3.07
N GLN C 15 -18.54 -6.82 4.28
CA GLN C 15 -19.30 -7.23 5.46
C GLN C 15 -20.05 -6.05 6.07
N ILE C 16 -21.35 -6.24 6.28
CA ILE C 16 -22.17 -5.23 6.95
C ILE C 16 -22.36 -5.69 8.41
N CYS C 17 -22.02 -4.84 9.37
CA CYS C 17 -22.30 -5.18 10.76
C CYS C 17 -23.66 -4.64 11.16
N LEU C 18 -24.49 -5.51 11.73
CA LEU C 18 -25.83 -5.14 12.18
C LEU C 18 -25.85 -5.18 13.69
N CYS C 19 -26.13 -4.03 14.31
CA CYS C 19 -26.38 -3.97 15.75
C CYS C 19 -27.88 -4.10 15.99
N SER C 20 -28.27 -4.88 16.99
CA SER C 20 -29.69 -5.05 17.26
CA SER C 20 -29.69 -5.10 17.25
C SER C 20 -29.96 -5.20 18.74
N TRP C 21 -31.15 -4.75 19.13
CA TRP C 21 -31.65 -4.87 20.50
C TRP C 21 -33.06 -5.47 20.42
N GLY C 22 -33.43 -6.23 21.44
CA GLY C 22 -34.79 -6.77 21.53
C GLY C 22 -34.92 -8.13 20.86
N SER C 23 -36.15 -8.67 20.87
CA SER C 23 -36.39 -10.02 20.35
C SER C 23 -36.53 -10.02 18.84
N PRO C 24 -35.90 -11.02 18.18
CA PRO C 24 -36.00 -11.11 16.73
C PRO C 24 -37.42 -11.37 16.26
N GLU C 25 -38.32 -11.73 17.17
CA GLU C 25 -39.71 -11.98 16.80
C GLU C 25 -40.58 -10.71 16.78
N HIS C 26 -40.02 -9.57 17.19
CA HIS C 26 -40.81 -8.36 17.39
C HIS C 26 -40.77 -7.40 16.20
N PRO C 27 -41.76 -6.47 16.11
CA PRO C 27 -41.78 -5.50 15.00
C PRO C 27 -40.51 -4.67 14.95
N VAL C 28 -40.04 -4.44 13.73
CA VAL C 28 -38.73 -3.80 13.53
C VAL C 28 -38.78 -2.27 13.53
N VAL C 29 -37.78 -1.69 14.18
CA VAL C 29 -37.43 -0.28 14.00
C VAL C 29 -36.03 -0.26 13.41
N LEU C 30 -35.93 0.24 12.19
CA LEU C 30 -34.64 0.29 11.49
C LEU C 30 -34.07 1.71 11.60
N CYS C 31 -32.86 1.83 12.14
CA CYS C 31 -32.24 3.13 12.42
C CYS C 31 -30.98 3.30 11.59
N ILE C 32 -30.85 4.45 10.94
CA ILE C 32 -29.69 4.75 10.09
C ILE C 32 -28.93 5.93 10.69
N HIS C 33 -27.72 5.65 11.19
CA HIS C 33 -26.83 6.69 11.71
C HIS C 33 -26.30 7.64 10.61
N GLY C 34 -25.66 8.70 11.07
CA GLY C 34 -25.06 9.71 10.21
C GLY C 34 -23.55 9.53 10.07
N ILE C 35 -22.94 10.45 9.36
CA ILE C 35 -21.52 10.39 9.05
C ILE C 35 -20.65 10.30 10.32
N LEU C 36 -19.64 9.41 10.25
CA LEU C 36 -18.63 9.17 11.28
C LEU C 36 -19.13 8.37 12.50
N GLU C 37 -20.43 8.14 12.58
CA GLU C 37 -20.96 7.40 13.70
C GLU C 37 -21.08 5.91 13.42
N GLN C 38 -22.03 5.26 14.06
CA GLN C 38 -22.07 3.82 14.06
C GLN C 38 -23.38 3.34 14.65
N GLY C 39 -23.70 2.07 14.42
CA GLY C 39 -25.01 1.51 14.84
C GLY C 39 -25.24 1.64 16.34
N LEU C 40 -24.16 1.44 17.11
CA LEU C 40 -24.19 1.55 18.56
C LEU C 40 -24.60 2.92 19.09
N ALA C 41 -24.42 3.97 18.26
CA ALA C 41 -24.81 5.34 18.65
C ALA C 41 -26.32 5.47 18.89
N TRP C 42 -27.09 4.54 18.36
CA TRP C 42 -28.55 4.49 18.61
C TRP C 42 -28.95 3.83 19.92
N GLN C 43 -27.98 3.40 20.74
CA GLN C 43 -28.34 2.61 21.92
C GLN C 43 -29.32 3.25 22.89
N GLU C 44 -29.15 4.53 23.18
CA GLU C 44 -30.04 5.20 24.15
C GLU C 44 -31.50 5.32 23.67
N VAL C 45 -31.66 5.45 22.36
CA VAL C 45 -32.97 5.43 21.72
C VAL C 45 -33.49 3.98 21.70
N ALA C 46 -32.60 3.05 21.38
CA ALA C 46 -32.97 1.64 21.22
C ALA C 46 -33.46 0.92 22.49
N LEU C 47 -32.84 1.21 23.62
CA LEU C 47 -33.19 0.49 24.85
C LEU C 47 -34.69 0.59 25.25
N PRO C 48 -35.26 1.81 25.30
CA PRO C 48 -36.70 1.85 25.66
C PRO C 48 -37.59 1.21 24.60
N LEU C 49 -37.22 1.31 23.32
CA LEU C 49 -37.97 0.65 22.27
C LEU C 49 -37.99 -0.86 22.45
N ALA C 50 -36.81 -1.42 22.72
CA ALA C 50 -36.67 -2.86 22.96
C ALA C 50 -37.42 -3.24 24.23
N ALA C 51 -37.42 -2.35 25.22
CA ALA C 51 -38.14 -2.65 26.48
C ALA C 51 -39.65 -2.62 26.27
N GLN C 52 -40.08 -2.04 25.15
CA GLN C 52 -41.50 -1.94 24.84
C GLN C 52 -41.95 -2.80 23.66
N GLY C 53 -41.15 -3.83 23.37
CA GLY C 53 -41.53 -4.91 22.47
C GLY C 53 -41.22 -4.70 20.99
N TYR C 54 -40.19 -3.89 20.71
CA TYR C 54 -39.69 -3.70 19.34
C TYR C 54 -38.34 -4.35 19.17
N ARG C 55 -38.06 -4.73 17.94
CA ARG C 55 -36.75 -5.21 17.55
C ARG C 55 -36.05 -4.05 16.84
N VAL C 56 -34.99 -3.53 17.47
CA VAL C 56 -34.33 -2.33 16.92
C VAL C 56 -33.10 -2.80 16.17
N VAL C 57 -32.95 -2.36 14.93
CA VAL C 57 -31.82 -2.80 14.09
C VAL C 57 -31.11 -1.56 13.56
N ALA C 58 -29.79 -1.51 13.76
CA ALA C 58 -29.01 -0.36 13.36
C ALA C 58 -27.74 -0.83 12.65
N PRO C 59 -27.72 -0.76 11.31
CA PRO C 59 -26.51 -1.21 10.63
C PRO C 59 -25.40 -0.18 10.71
N ASP C 60 -24.14 -0.66 10.66
CA ASP C 60 -23.00 0.22 10.49
C ASP C 60 -22.90 0.45 8.98
N LEU C 61 -22.93 1.69 8.55
CA LEU C 61 -22.69 2.02 7.15
C LEU C 61 -21.27 1.58 6.80
N PHE C 62 -21.04 1.24 5.54
CA PHE C 62 -19.67 0.93 5.12
C PHE C 62 -18.66 1.98 5.52
N GLY C 63 -17.49 1.52 5.96
CA GLY C 63 -16.45 2.44 6.38
C GLY C 63 -16.63 2.92 7.82
N HIS C 64 -17.80 2.65 8.42
CA HIS C 64 -18.13 3.07 9.79
C HIS C 64 -18.23 1.86 10.74
N GLY C 65 -18.11 2.12 12.05
CA GLY C 65 -18.31 1.06 13.04
C GLY C 65 -17.46 -0.15 12.79
N ARG C 66 -18.10 -1.30 12.64
CA ARG C 66 -17.41 -2.56 12.34
C ARG C 66 -17.72 -3.10 10.95
N SER C 67 -18.30 -2.26 10.10
CA SER C 67 -18.55 -2.70 8.73
C SER C 67 -17.26 -2.56 7.93
N SER C 68 -17.15 -3.33 6.85
CA SER C 68 -15.99 -3.28 5.94
C SER C 68 -15.61 -1.88 5.50
N HIS C 69 -14.31 -1.68 5.34
CA HIS C 69 -13.80 -0.52 4.63
C HIS C 69 -13.81 -0.89 3.15
N LEU C 70 -14.20 0.05 2.31
CA LEU C 70 -14.26 -0.24 0.89
C LEU C 70 -12.87 -0.05 0.27
N GLU C 71 -12.41 -1.06 -0.47
CA GLU C 71 -11.03 -1.06 -1.00
C GLU C 71 -10.79 0.00 -2.06
N MET C 72 -11.85 0.36 -2.76
CA MET C 72 -11.75 1.42 -3.75
C MET C 72 -12.55 2.60 -3.27
N VAL C 73 -11.88 3.74 -3.14
CA VAL C 73 -12.43 4.92 -2.48
C VAL C 73 -13.72 5.43 -3.14
N THR C 74 -13.79 5.33 -4.46
CA THR C 74 -14.94 5.80 -5.23
C THR C 74 -16.19 4.95 -5.00
N SER C 75 -16.05 3.84 -4.27
CA SER C 75 -17.21 3.05 -3.88
C SER C 75 -18.04 3.71 -2.79
N TYR C 76 -17.43 4.63 -2.04
CA TYR C 76 -18.16 5.43 -1.06
C TYR C 76 -18.98 6.45 -1.80
N SER C 77 -20.30 6.26 -1.76
CA SER C 77 -21.24 7.13 -2.47
C SER C 77 -22.60 6.97 -1.83
N SER C 78 -23.48 7.94 -2.04
CA SER C 78 -24.83 7.83 -1.53
CA SER C 78 -24.85 7.84 -1.55
C SER C 78 -25.51 6.55 -2.07
N LEU C 79 -25.31 6.25 -3.36
CA LEU C 79 -25.90 5.06 -3.96
C LEU C 79 -25.43 3.78 -3.30
N THR C 80 -24.13 3.67 -3.01
CA THR C 80 -23.64 2.53 -2.24
C THR C 80 -24.33 2.37 -0.86
N PHE C 81 -24.48 3.48 -0.13
CA PHE C 81 -25.16 3.39 1.17
C PHE C 81 -26.65 3.03 0.99
N LEU C 82 -27.27 3.54 -0.06
CA LEU C 82 -28.70 3.18 -0.29
C LEU C 82 -28.85 1.71 -0.61
N ALA C 83 -27.98 1.20 -1.46
CA ALA C 83 -27.99 -0.22 -1.79
C ALA C 83 -27.74 -1.06 -0.54
N GLN C 84 -26.85 -0.59 0.30
CA GLN C 84 -26.53 -1.29 1.54
C GLN C 84 -27.78 -1.40 2.44
N ILE C 85 -28.48 -0.28 2.59
CA ILE C 85 -29.71 -0.26 3.42
C ILE C 85 -30.80 -1.12 2.80
N ASP C 86 -30.94 -1.04 1.47
CA ASP C 86 -31.89 -1.88 0.75
C ASP C 86 -31.59 -3.36 0.98
N ARG C 87 -30.30 -3.70 1.05
CA ARG C 87 -29.88 -5.07 1.34
C ARG C 87 -30.28 -5.51 2.76
N VAL C 88 -30.06 -4.61 3.72
CA VAL C 88 -30.48 -4.85 5.11
C VAL C 88 -32.01 -5.07 5.14
N ILE C 89 -32.76 -4.22 4.46
CA ILE C 89 -34.23 -4.40 4.41
C ILE C 89 -34.63 -5.80 3.89
N GLN C 90 -33.98 -6.28 2.85
CA GLN C 90 -34.23 -7.61 2.28
CA GLN C 90 -34.32 -7.59 2.32
C GLN C 90 -33.98 -8.73 3.30
N GLU C 91 -33.14 -8.44 4.29
CA GLU C 91 -32.83 -9.40 5.35
C GLU C 91 -33.89 -9.45 6.46
N LEU C 92 -34.70 -8.40 6.57
CA LEU C 92 -35.69 -8.26 7.63
C LEU C 92 -37.04 -8.87 7.23
N PRO C 93 -37.93 -9.10 8.21
CA PRO C 93 -39.27 -9.63 7.92
C PRO C 93 -40.06 -8.78 6.93
N ASP C 94 -40.84 -9.47 6.09
CA ASP C 94 -41.64 -8.80 5.06
C ASP C 94 -42.92 -8.22 5.68
N GLN C 95 -42.71 -7.20 6.52
CA GLN C 95 -43.78 -6.49 7.18
C GLN C 95 -43.35 -5.02 7.16
N PRO C 96 -44.30 -4.09 6.92
CA PRO C 96 -43.93 -2.65 7.00
C PRO C 96 -43.32 -2.33 8.36
N LEU C 97 -42.24 -1.55 8.35
CA LEU C 97 -41.47 -1.27 9.55
C LEU C 97 -41.32 0.23 9.82
N LEU C 98 -40.75 0.57 10.96
CA LEU C 98 -40.51 1.95 11.31
C LEU C 98 -39.07 2.28 10.91
N LEU C 99 -38.90 3.35 10.16
CA LEU C 99 -37.60 3.74 9.61
C LEU C 99 -37.21 5.09 10.21
N VAL C 100 -36.04 5.14 10.85
CA VAL C 100 -35.55 6.32 11.53
C VAL C 100 -34.15 6.62 11.02
N GLY C 101 -33.88 7.89 10.73
CA GLY C 101 -32.56 8.27 10.25
C GLY C 101 -32.15 9.57 10.92
N HIS C 102 -30.83 9.74 11.09
CA HIS C 102 -30.25 10.96 11.64
C HIS C 102 -29.31 11.61 10.63
N SER C 103 -29.56 12.89 10.31
CA SER C 103 -28.66 13.69 9.48
C SER C 103 -28.42 13.04 8.11
N MET C 104 -27.19 12.66 7.76
CA MET C 104 -27.00 11.92 6.49
C MET C 104 -27.89 10.66 6.44
N GLY C 105 -28.04 10.03 7.61
CA GLY C 105 -28.94 8.88 7.76
C GLY C 105 -30.39 9.23 7.44
N ALA C 106 -30.82 10.45 7.77
CA ALA C 106 -32.18 10.89 7.42
C ALA C 106 -32.30 11.13 5.92
N MET C 107 -31.26 11.67 5.29
CA MET C 107 -31.24 11.79 3.81
C MET C 107 -31.39 10.39 3.18
N LEU C 108 -30.59 9.44 3.66
CA LEU C 108 -30.67 8.07 3.15
C LEU C 108 -32.06 7.47 3.36
N ALA C 109 -32.61 7.67 4.56
CA ALA C 109 -33.93 7.13 4.89
C ALA C 109 -35.00 7.68 3.94
N THR C 110 -34.91 8.96 3.58
CA THR C 110 -35.90 9.55 2.66
CA THR C 110 -35.90 9.55 2.67
C THR C 110 -35.85 8.88 1.29
N ALA C 111 -34.63 8.65 0.80
CA ALA C 111 -34.45 8.00 -0.48
C ALA C 111 -35.05 6.58 -0.47
N ILE C 112 -34.76 5.83 0.59
CA ILE C 112 -35.34 4.50 0.75
C ILE C 112 -36.87 4.56 0.77
N ALA C 113 -37.42 5.47 1.55
CA ALA C 113 -38.86 5.59 1.65
C ALA C 113 -39.51 6.02 0.32
N SER C 114 -38.79 6.79 -0.48
CA SER C 114 -39.32 7.20 -1.80
C SER C 114 -39.46 6.02 -2.77
N VAL C 115 -38.57 5.04 -2.60
CA VAL C 115 -38.46 3.88 -3.48
C VAL C 115 -39.23 2.67 -2.96
N ARG C 116 -39.26 2.50 -1.63
CA ARG C 116 -39.94 1.36 -1.00
C ARG C 116 -41.13 1.76 -0.10
N PRO C 117 -42.10 2.55 -0.63
CA PRO C 117 -43.12 3.07 0.26
C PRO C 117 -43.89 1.99 1.00
N LYS C 118 -44.11 0.85 0.36
CA LYS C 118 -44.92 -0.22 0.94
C LYS C 118 -44.28 -0.88 2.17
N LYS C 119 -42.97 -0.70 2.30
CA LYS C 119 -42.20 -1.29 3.40
C LYS C 119 -42.11 -0.36 4.62
N ILE C 120 -42.50 0.90 4.44
CA ILE C 120 -42.32 1.87 5.51
C ILE C 120 -43.66 2.23 6.17
N LYS C 121 -43.83 1.81 7.43
CA LYS C 121 -45.02 2.18 8.22
C LYS C 121 -45.02 3.65 8.64
N GLU C 122 -43.89 4.14 9.12
CA GLU C 122 -43.69 5.54 9.54
C GLU C 122 -42.24 5.86 9.27
N LEU C 123 -42.00 7.10 8.83
CA LEU C 123 -40.67 7.58 8.51
C LEU C 123 -40.35 8.67 9.52
N ILE C 124 -39.25 8.53 10.27
CA ILE C 124 -38.90 9.51 11.31
C ILE C 124 -37.56 10.08 10.91
N LEU C 125 -37.55 11.37 10.56
CA LEU C 125 -36.35 11.98 10.00
C LEU C 125 -35.79 12.97 11.01
N VAL C 126 -34.66 12.60 11.63
CA VAL C 126 -34.08 13.39 12.70
C VAL C 126 -33.00 14.27 12.12
N GLU C 127 -33.23 15.58 12.18
CA GLU C 127 -32.26 16.58 11.69
C GLU C 127 -31.90 16.38 10.22
N LEU C 128 -32.94 16.33 9.39
CA LEU C 128 -32.79 16.24 7.94
C LEU C 128 -32.09 17.47 7.36
N PRO C 129 -30.92 17.29 6.74
CA PRO C 129 -30.22 18.39 6.10
C PRO C 129 -30.89 18.84 4.79
N LEU C 130 -30.57 20.03 4.32
CA LEU C 130 -31.01 20.46 3.01
C LEU C 130 -29.79 20.99 2.25
N PRO C 131 -29.51 20.43 1.04
CA PRO C 131 -28.41 20.95 0.23
C PRO C 131 -28.66 22.40 -0.15
N ALA C 132 -27.60 23.22 -0.12
CA ALA C 132 -27.70 24.64 -0.41
C ALA C 132 -27.93 24.92 -1.90
N GLU C 133 -28.29 26.16 -2.20
CA GLU C 133 -28.55 26.61 -3.57
C GLU C 133 -27.29 26.62 -4.42
N GLU C 134 -27.44 26.97 -5.70
CA GLU C 134 -26.31 27.08 -6.62
C GLU C 134 -25.50 28.34 -6.32
N SER C 135 -24.32 28.44 -6.93
CA SER C 135 -23.45 29.62 -6.76
C SER C 135 -22.78 30.01 -8.08
N ALA C 140 -19.14 20.23 -9.95
CA ALA C 140 -18.58 18.88 -9.97
C ALA C 140 -17.09 18.88 -10.26
N VAL C 141 -16.67 19.71 -11.23
CA VAL C 141 -15.26 19.82 -11.63
C VAL C 141 -14.29 19.89 -10.43
N ASN C 142 -14.78 20.45 -9.31
CA ASN C 142 -13.97 20.55 -8.09
C ASN C 142 -14.08 19.34 -7.16
N GLN C 143 -15.27 18.75 -7.07
CA GLN C 143 -15.48 17.51 -6.29
C GLN C 143 -14.79 16.31 -6.96
N LEU C 144 -14.62 16.41 -8.28
CA LEU C 144 -13.90 15.41 -9.06
C LEU C 144 -12.42 15.41 -8.63
N THR C 145 -11.80 16.59 -8.63
CA THR C 145 -10.44 16.77 -8.11
C THR C 145 -10.31 16.16 -6.71
N THR C 146 -11.25 16.49 -5.83
CA THR C 146 -11.26 16.04 -4.44
C THR C 146 -11.14 14.51 -4.32
N CYS C 147 -11.93 13.79 -5.10
CA CYS C 147 -11.99 12.33 -5.00
C CYS C 147 -10.75 11.62 -5.53
N LEU C 148 -10.17 12.16 -6.60
CA LEU C 148 -9.00 11.57 -7.25
C LEU C 148 -7.73 11.80 -6.44
N ASP C 149 -7.65 12.97 -5.81
CA ASP C 149 -6.43 13.38 -5.11
C ASP C 149 -6.43 12.98 -3.64
N TYR C 150 -7.60 12.59 -3.12
CA TYR C 150 -7.69 12.06 -1.77
C TYR C 150 -7.89 10.54 -1.75
N LEU C 151 -7.79 9.92 -2.92
CA LEU C 151 -7.69 8.45 -3.00
C LEU C 151 -6.23 8.01 -3.11
N SER C 152 -5.39 8.88 -3.67
CA SER C 152 -3.96 8.64 -3.81
C SER C 152 -3.18 9.14 -2.58
N SER C 153 -3.39 10.41 -2.24
CA SER C 153 -2.71 11.03 -1.09
C SER C 153 -3.40 10.68 0.23
N THR C 154 -4.74 10.82 0.25
CA THR C 154 -5.59 10.46 1.41
C THR C 154 -5.38 11.29 2.68
N PRO C 155 -6.44 11.50 3.48
CA PRO C 155 -6.27 11.96 4.86
C PRO C 155 -5.79 10.81 5.74
N GLN C 156 -5.33 11.13 6.96
CA GLN C 156 -4.94 10.10 7.92
C GLN C 156 -5.30 10.48 9.35
N HIS C 157 -5.58 9.48 10.18
CA HIS C 157 -5.97 9.67 11.56
C HIS C 157 -4.77 10.11 12.37
N PRO C 158 -4.99 11.05 13.32
CA PRO C 158 -3.93 11.29 14.32
C PRO C 158 -3.86 10.10 15.28
N ILE C 159 -2.74 9.99 15.99
CA ILE C 159 -2.56 8.93 16.97
C ILE C 159 -2.82 9.51 18.35
N PHE C 160 -3.79 8.90 19.05
CA PHE C 160 -4.11 9.27 20.43
C PHE C 160 -3.25 8.42 21.37
N PRO C 161 -3.00 8.92 22.59
CA PRO C 161 -2.27 8.14 23.62
C PRO C 161 -3.04 6.90 24.10
N ASP C 162 -4.36 6.98 24.10
CA ASP C 162 -5.24 5.91 24.59
C ASP C 162 -6.70 6.18 24.24
N VAL C 163 -7.57 5.22 24.56
CA VAL C 163 -8.99 5.35 24.28
C VAL C 163 -9.57 6.57 25.02
N ALA C 164 -9.14 6.83 26.26
CA ALA C 164 -9.67 7.97 27.01
C ALA C 164 -9.64 9.29 26.20
N THR C 165 -8.53 9.52 25.49
CA THR C 165 -8.44 10.67 24.58
C THR C 165 -9.50 10.63 23.47
N ALA C 166 -9.71 9.45 22.88
CA ALA C 166 -10.74 9.28 21.84
C ALA C 166 -12.15 9.54 22.38
N ALA C 167 -12.48 8.93 23.52
CA ALA C 167 -13.74 9.18 24.22
C ALA C 167 -13.99 10.66 24.57
N SER C 168 -12.91 11.36 24.93
CA SER C 168 -12.96 12.80 25.21
C SER C 168 -13.24 13.62 23.95
N ARG C 169 -12.64 13.21 22.84
CA ARG C 169 -12.91 13.84 21.55
C ARG C 169 -14.38 13.65 21.18
N LEU C 170 -14.94 12.51 21.55
CA LEU C 170 -16.37 12.25 21.27
C LEU C 170 -17.29 13.09 22.15
N ARG C 171 -16.90 13.27 23.41
CA ARG C 171 -17.64 14.17 24.31
C ARG C 171 -17.45 15.63 23.91
N GLN C 172 -16.30 15.95 23.32
CA GLN C 172 -16.05 17.27 22.75
C GLN C 172 -17.02 17.51 21.60
N ALA C 173 -17.18 16.50 20.75
CA ALA C 173 -18.12 16.52 19.65
C ALA C 173 -19.57 16.56 20.15
N ILE C 174 -19.87 15.80 21.19
CA ILE C 174 -21.23 15.67 21.74
C ILE C 174 -21.22 15.84 23.27
N PRO C 175 -21.31 17.09 23.76
CA PRO C 175 -21.19 17.42 25.18
C PRO C 175 -22.17 16.70 26.12
N SER C 176 -23.29 16.22 25.60
CA SER C 176 -24.28 15.53 26.44
C SER C 176 -24.02 14.02 26.57
N LEU C 177 -23.03 13.51 25.84
CA LEU C 177 -22.65 12.10 25.92
C LEU C 177 -22.09 11.74 27.30
N SER C 178 -22.59 10.65 27.89
CA SER C 178 -22.11 10.19 29.20
C SER C 178 -20.70 9.58 29.12
N GLU C 179 -20.01 9.50 30.26
CA GLU C 179 -18.68 8.89 30.28
C GLU C 179 -18.73 7.42 29.89
N GLU C 180 -19.68 6.68 30.46
CA GLU C 180 -19.89 5.25 30.20
C GLU C 180 -20.23 4.97 28.72
N PHE C 181 -21.10 5.79 28.15
CA PHE C 181 -21.51 5.60 26.74
C PHE C 181 -20.37 6.01 25.80
N SER C 182 -19.77 7.17 26.04
CA SER C 182 -18.65 7.66 25.21
C SER C 182 -17.50 6.66 25.14
N TYR C 183 -17.26 5.97 26.25
CA TYR C 183 -16.18 5.00 26.36
C TYR C 183 -16.50 3.77 25.51
N ILE C 184 -17.71 3.24 25.67
CA ILE C 184 -18.16 2.10 24.87
C ILE C 184 -18.15 2.46 23.37
N LEU C 185 -18.59 3.66 23.02
CA LEU C 185 -18.56 4.12 21.61
C LEU C 185 -17.12 4.21 21.07
N ALA C 186 -16.26 4.97 21.76
CA ALA C 186 -14.85 5.12 21.38
C ALA C 186 -14.16 3.77 21.25
N GLN C 187 -14.48 2.85 22.15
CA GLN C 187 -13.89 1.51 22.16
C GLN C 187 -14.16 0.77 20.86
N ARG C 188 -15.43 0.75 20.46
CA ARG C 188 -15.88 0.03 19.27
C ARG C 188 -15.21 0.52 17.99
N ILE C 189 -14.83 1.80 17.96
CA ILE C 189 -14.23 2.41 16.74
C ILE C 189 -12.80 2.91 16.92
N THR C 190 -12.06 2.27 17.81
CA THR C 190 -10.63 2.52 17.91
C THR C 190 -9.86 1.22 17.86
N GLN C 191 -8.62 1.33 17.37
CA GLN C 191 -7.72 0.18 17.28
C GLN C 191 -6.34 0.64 17.71
N PRO C 192 -5.51 -0.30 18.22
CA PRO C 192 -4.09 0.00 18.49
C PRO C 192 -3.28 0.36 17.26
N ASN C 193 -2.43 1.37 17.37
CA ASN C 193 -1.54 1.76 16.28
C ASN C 193 -0.42 2.71 16.69
N GLN C 194 0.79 2.36 16.28
CA GLN C 194 1.98 3.19 16.52
C GLN C 194 2.12 3.61 17.99
N GLY C 195 1.92 2.66 18.89
CA GLY C 195 2.12 2.90 20.32
C GLY C 195 1.03 3.72 20.98
N GLY C 196 -0.06 3.96 20.26
CA GLY C 196 -1.25 4.62 20.79
C GLY C 196 -2.49 3.96 20.22
N VAL C 197 -3.55 4.75 20.05
CA VAL C 197 -4.75 4.29 19.32
C VAL C 197 -5.17 5.27 18.23
N ARG C 198 -5.99 4.78 17.30
CA ARG C 198 -6.52 5.61 16.24
C ARG C 198 -7.92 5.12 15.94
N TRP C 199 -8.69 5.97 15.28
CA TRP C 199 -10.01 5.57 14.83
C TRP C 199 -9.87 4.35 13.92
N SER C 200 -10.82 3.41 14.01
CA SER C 200 -10.81 2.20 13.19
C SER C 200 -11.87 2.24 12.09
N TRP C 201 -12.59 3.36 12.01
CA TRP C 201 -13.39 3.65 10.83
C TRP C 201 -12.48 4.15 9.71
N ASP C 202 -12.99 4.21 8.49
CA ASP C 202 -12.14 4.49 7.33
C ASP C 202 -11.85 5.98 7.22
N ALA C 203 -10.58 6.36 7.39
CA ALA C 203 -10.21 7.79 7.44
C ALA C 203 -10.74 8.62 6.30
N ILE C 204 -10.73 8.05 5.09
CA ILE C 204 -11.24 8.70 3.90
C ILE C 204 -12.68 9.25 4.04
N ILE C 205 -13.51 8.59 4.85
CA ILE C 205 -14.95 8.98 4.92
C ILE C 205 -15.16 10.38 5.46
N ARG C 206 -14.15 10.89 6.18
CA ARG C 206 -14.20 12.24 6.75
C ARG C 206 -14.15 13.36 5.70
N THR C 207 -13.67 13.05 4.49
CA THR C 207 -13.55 14.05 3.42
C THR C 207 -14.86 14.33 2.68
N ARG C 208 -15.46 13.28 2.11
CA ARG C 208 -16.68 13.36 1.29
C ARG C 208 -16.52 14.30 0.10
N GLY C 219 -29.27 18.22 -7.76
CA GLY C 219 -28.85 18.92 -6.55
C GLY C 219 -30.01 19.19 -5.61
N ARG C 220 -30.08 20.41 -5.07
CA ARG C 220 -31.15 20.85 -4.18
C ARG C 220 -32.55 20.67 -4.80
N SER C 221 -32.69 21.04 -6.06
CA SER C 221 -33.97 20.98 -6.77
C SER C 221 -34.50 19.55 -6.90
N GLN C 222 -33.62 18.62 -7.24
CA GLN C 222 -33.98 17.20 -7.36
C GLN C 222 -34.28 16.59 -5.98
N TYR C 223 -33.54 17.04 -4.97
CA TYR C 223 -33.72 16.65 -3.56
C TYR C 223 -35.14 17.03 -3.10
N LEU C 224 -35.56 18.25 -3.43
CA LEU C 224 -36.88 18.73 -3.06
C LEU C 224 -37.99 17.91 -3.75
N GLU C 225 -37.79 17.59 -5.03
CA GLU C 225 -38.71 16.71 -5.76
C GLU C 225 -38.86 15.36 -5.05
N MET C 226 -37.73 14.78 -4.64
CA MET C 226 -37.74 13.55 -3.86
C MET C 226 -38.57 13.70 -2.58
N LEU C 227 -38.34 14.79 -1.84
CA LEU C 227 -39.10 15.04 -0.61
C LEU C 227 -40.60 15.11 -0.87
N LYS C 228 -40.98 15.78 -1.97
CA LYS C 228 -42.40 15.93 -2.35
C LYS C 228 -43.04 14.58 -2.66
N SER C 229 -42.24 13.67 -3.21
CA SER C 229 -42.74 12.37 -3.65
C SER C 229 -43.10 11.43 -2.50
N ILE C 230 -42.55 11.68 -1.31
CA ILE C 230 -42.75 10.81 -0.14
C ILE C 230 -44.24 10.65 0.19
N GLN C 231 -44.70 9.40 0.12
CA GLN C 231 -46.11 9.06 0.28
C GLN C 231 -46.41 8.43 1.64
N VAL C 232 -45.39 8.21 2.45
CA VAL C 232 -45.56 7.50 3.72
C VAL C 232 -45.73 8.50 4.87
N PRO C 233 -46.43 8.09 5.94
CA PRO C 233 -46.52 8.98 7.11
C PRO C 233 -45.12 9.35 7.64
N THR C 234 -44.89 10.63 7.83
CA THR C 234 -43.55 11.15 8.11
C THR C 234 -43.57 12.12 9.26
N THR C 235 -42.50 12.09 10.07
CA THR C 235 -42.28 13.07 11.12
C THR C 235 -40.91 13.69 10.96
N LEU C 236 -40.86 15.02 10.83
CA LEU C 236 -39.61 15.76 10.80
C LEU C 236 -39.29 16.17 12.24
N VAL C 237 -38.14 15.74 12.72
CA VAL C 237 -37.73 15.99 14.10
C VAL C 237 -36.50 16.90 14.08
N TYR C 238 -36.57 17.98 14.84
CA TYR C 238 -35.44 18.92 14.92
C TYR C 238 -35.07 19.25 16.37
N GLY C 239 -33.82 19.65 16.58
CA GLY C 239 -33.40 20.11 17.88
C GLY C 239 -33.70 21.58 18.01
N ASP C 240 -34.25 22.00 19.16
CA ASP C 240 -34.60 23.41 19.32
C ASP C 240 -33.40 24.36 19.40
N SER C 241 -32.21 23.79 19.59
CA SER C 241 -30.97 24.60 19.54
C SER C 241 -30.00 24.11 18.47
N SER C 242 -30.51 23.31 17.52
CA SER C 242 -29.67 22.90 16.39
C SER C 242 -29.49 24.03 15.39
N LYS C 243 -28.25 24.22 14.94
CA LYS C 243 -27.95 25.23 13.93
C LYS C 243 -27.97 24.66 12.51
N LEU C 244 -28.28 23.37 12.37
CA LEU C 244 -28.21 22.69 11.07
C LEU C 244 -29.08 23.34 10.00
N ASN C 245 -30.31 23.69 10.39
CA ASN C 245 -31.26 24.26 9.46
C ASN C 245 -31.60 25.68 9.83
N ARG C 246 -31.20 26.61 8.97
CA ARG C 246 -31.60 28.00 9.08
C ARG C 246 -33.13 28.10 9.05
N PRO C 247 -33.70 29.20 9.58
CA PRO C 247 -35.15 29.36 9.53
C PRO C 247 -35.75 29.13 8.13
N GLU C 248 -35.02 29.52 7.08
CA GLU C 248 -35.48 29.37 5.70
C GLU C 248 -35.42 27.94 5.22
N ASP C 249 -34.45 27.18 5.74
CA ASP C 249 -34.34 25.75 5.46
C ASP C 249 -35.52 25.01 6.07
N LEU C 250 -35.86 25.35 7.32
CA LEU C 250 -37.01 24.76 8.00
C LEU C 250 -38.31 25.03 7.23
N GLN C 251 -38.46 26.26 6.71
CA GLN C 251 -39.66 26.64 5.96
C GLN C 251 -39.79 25.91 4.63
N GLN C 252 -38.69 25.80 3.89
CA GLN C 252 -38.68 25.05 2.63
C GLN C 252 -39.08 23.59 2.83
N GLN C 253 -38.52 22.95 3.85
CA GLN C 253 -38.89 21.57 4.18
C GLN C 253 -40.38 21.46 4.55
N LYS C 254 -40.86 22.41 5.34
CA LYS C 254 -42.29 22.50 5.69
C LYS C 254 -43.17 22.66 4.45
N MET C 255 -42.77 23.57 3.56
CA MET C 255 -43.52 23.87 2.35
C MET C 255 -43.51 22.74 1.34
N THR C 256 -42.40 22.00 1.31
CA THR C 256 -42.21 20.88 0.39
C THR C 256 -42.93 19.62 0.87
N MET C 257 -42.69 19.26 2.13
CA MET C 257 -43.31 18.09 2.75
C MET C 257 -44.54 18.53 3.54
N THR C 258 -45.58 18.91 2.80
CA THR C 258 -46.78 19.49 3.41
C THR C 258 -47.46 18.53 4.39
N GLN C 259 -47.36 17.23 4.13
CA GLN C 259 -48.03 16.24 4.99
C GLN C 259 -47.21 15.77 6.20
N ALA C 260 -45.93 16.15 6.25
CA ALA C 260 -45.07 15.73 7.38
C ALA C 260 -45.44 16.39 8.70
N LYS C 261 -45.47 15.59 9.76
CA LYS C 261 -45.60 16.13 11.12
C LYS C 261 -44.27 16.76 11.49
N ARG C 262 -44.29 17.83 12.27
CA ARG C 262 -43.05 18.53 12.67
CA ARG C 262 -43.05 18.52 12.67
C ARG C 262 -42.97 18.61 14.18
N VAL C 263 -41.85 18.15 14.74
CA VAL C 263 -41.65 18.16 16.19
C VAL C 263 -40.28 18.71 16.53
N PHE C 264 -40.22 19.60 17.52
CA PHE C 264 -38.97 20.08 18.06
C PHE C 264 -38.72 19.48 19.42
N LEU C 265 -37.55 18.88 19.57
CA LEU C 265 -37.13 18.32 20.84
C LEU C 265 -36.08 19.22 21.52
N SER C 266 -35.88 18.99 22.82
CA SER C 266 -34.94 19.78 23.61
C SER C 266 -33.51 19.25 23.39
N GLY C 267 -32.78 19.89 22.48
CA GLY C 267 -31.41 19.51 22.19
C GLY C 267 -30.91 20.16 20.93
N GLY C 268 -29.68 19.83 20.54
CA GLY C 268 -29.13 20.35 19.32
C GLY C 268 -29.24 19.31 18.22
N HIS C 269 -28.17 19.21 17.44
CA HIS C 269 -28.15 18.29 16.30
C HIS C 269 -28.21 16.80 16.68
N ASN C 270 -27.54 16.45 17.78
CA ASN C 270 -27.40 15.06 18.21
C ASN C 270 -28.50 14.57 19.16
N LEU C 271 -29.73 14.60 18.66
CA LEU C 271 -30.92 14.31 19.46
C LEU C 271 -30.96 12.87 19.92
N HIS C 272 -30.27 11.99 19.18
CA HIS C 272 -30.16 10.59 19.56
C HIS C 272 -29.41 10.43 20.88
N ILE C 273 -28.61 11.45 21.21
CA ILE C 273 -27.89 11.52 22.47
C ILE C 273 -28.58 12.53 23.40
N ASP C 274 -28.83 13.76 22.92
CA ASP C 274 -29.37 14.84 23.76
C ASP C 274 -30.73 14.50 24.37
N ALA C 275 -31.56 13.79 23.61
CA ALA C 275 -32.98 13.61 23.89
C ALA C 275 -33.51 12.22 23.48
N ALA C 276 -32.82 11.18 23.91
CA ALA C 276 -33.11 9.81 23.45
C ALA C 276 -34.50 9.30 23.85
N ALA C 277 -34.90 9.53 25.12
CA ALA C 277 -36.20 9.07 25.59
C ALA C 277 -37.33 9.80 24.86
N ALA C 278 -37.19 11.11 24.71
CA ALA C 278 -38.17 11.90 23.97
C ALA C 278 -38.21 11.48 22.50
N LEU C 279 -37.06 11.14 21.91
CA LEU C 279 -37.06 10.65 20.53
C LEU C 279 -37.71 9.26 20.43
N ALA C 280 -37.39 8.37 21.36
CA ALA C 280 -38.04 7.06 21.45
C ALA C 280 -39.55 7.24 21.51
N SER C 281 -39.98 8.21 22.31
CA SER C 281 -41.39 8.48 22.48
C SER C 281 -42.06 8.83 21.12
N LEU C 282 -41.38 9.65 20.32
CA LEU C 282 -41.92 9.98 19.00
C LEU C 282 -42.02 8.80 18.06
N ILE C 283 -41.02 7.92 18.11
CA ILE C 283 -40.99 6.75 17.28
C ILE C 283 -42.17 5.84 17.64
N LEU C 284 -42.51 5.83 18.94
CA LEU C 284 -43.59 5.02 19.54
C LEU C 284 -44.98 5.56 19.16
N THR C 285 -44.99 6.49 18.20
CA THR C 285 -46.18 7.14 17.63
C THR C 285 -46.58 8.36 18.45
N ASN D 2 3.58 -3.96 -34.40
CA ASN D 2 2.76 -5.15 -34.78
C ASN D 2 1.55 -5.39 -33.86
N ALA D 3 1.50 -6.54 -33.21
CA ALA D 3 0.31 -6.95 -32.50
C ALA D 3 0.11 -6.22 -31.18
N MET D 4 -1.14 -6.15 -30.76
CA MET D 4 -1.50 -5.65 -29.44
CA MET D 4 -1.49 -5.64 -29.45
C MET D 4 -0.79 -6.45 -28.36
N GLU D 5 -0.33 -5.77 -27.32
CA GLU D 5 0.20 -6.39 -26.12
CA GLU D 5 0.11 -6.47 -26.14
C GLU D 5 -0.63 -5.98 -24.90
N GLU D 6 -0.66 -6.82 -23.87
CA GLU D 6 -1.46 -6.50 -22.72
C GLU D 6 -0.60 -6.49 -21.46
N LYS D 7 -0.93 -5.57 -20.54
CA LYS D 7 -0.25 -5.46 -19.25
CA LYS D 7 -0.26 -5.49 -19.24
C LYS D 7 -1.37 -5.29 -18.22
N PHE D 8 -1.10 -5.63 -16.96
CA PHE D 8 -2.09 -5.43 -15.89
C PHE D 8 -1.53 -4.53 -14.81
N LEU D 9 -2.41 -3.77 -14.15
CA LEU D 9 -2.00 -2.99 -13.00
C LEU D 9 -3.08 -3.04 -11.95
N GLU D 10 -2.67 -3.00 -10.69
CA GLU D 10 -3.67 -2.98 -9.61
C GLU D 10 -4.21 -1.58 -9.32
N PHE D 11 -5.50 -1.50 -8.97
CA PHE D 11 -6.08 -0.25 -8.46
C PHE D 11 -7.27 -0.59 -7.60
N GLY D 12 -7.27 -0.11 -6.34
CA GLY D 12 -8.41 -0.36 -5.42
C GLY D 12 -8.70 -1.83 -5.17
N GLY D 13 -7.64 -2.65 -5.20
CA GLY D 13 -7.71 -4.11 -5.04
C GLY D 13 -8.24 -4.86 -6.27
N ASN D 14 -8.39 -4.14 -7.38
CA ASN D 14 -8.89 -4.68 -8.63
C ASN D 14 -7.81 -4.67 -9.70
N GLN D 15 -8.04 -5.39 -10.81
CA GLN D 15 -7.06 -5.43 -11.91
C GLN D 15 -7.53 -4.64 -13.13
N ILE D 16 -6.66 -3.76 -13.61
CA ILE D 16 -6.88 -3.03 -14.85
C ILE D 16 -6.05 -3.71 -15.95
N CYS D 17 -6.68 -4.08 -17.06
CA CYS D 17 -5.95 -4.52 -18.26
C CYS D 17 -5.67 -3.33 -19.18
N LEU D 18 -4.40 -3.16 -19.59
CA LEU D 18 -4.08 -2.15 -20.59
C LEU D 18 -3.71 -2.84 -21.89
N CYS D 19 -4.38 -2.49 -22.98
CA CYS D 19 -3.97 -2.93 -24.30
C CYS D 19 -3.05 -1.87 -24.87
N SER D 20 -2.00 -2.23 -25.58
CA SER D 20 -1.15 -1.23 -26.19
CA SER D 20 -1.11 -1.24 -26.15
C SER D 20 -0.55 -1.69 -27.51
N TRP D 21 -0.24 -0.71 -28.36
CA TRP D 21 0.40 -0.97 -29.65
C TRP D 21 1.52 0.06 -29.80
N GLY D 22 2.59 -0.32 -30.49
CA GLY D 22 3.65 0.65 -30.81
C GLY D 22 4.76 0.63 -29.79
N SER D 23 5.81 1.41 -30.06
CA SER D 23 6.99 1.40 -29.17
C SER D 23 6.71 2.27 -27.95
N PRO D 24 7.01 1.77 -26.72
CA PRO D 24 6.77 2.61 -25.54
C PRO D 24 7.65 3.86 -25.41
N GLU D 25 8.68 4.01 -26.24
CA GLU D 25 9.46 5.26 -26.23
C GLU D 25 8.69 6.40 -26.92
N HIS D 26 7.63 6.06 -27.64
CA HIS D 26 6.97 7.01 -28.52
C HIS D 26 5.86 7.81 -27.82
N PRO D 27 5.49 8.98 -28.36
CA PRO D 27 4.44 9.80 -27.73
C PRO D 27 3.13 9.02 -27.65
N VAL D 28 2.45 9.16 -26.51
CA VAL D 28 1.29 8.34 -26.17
C VAL D 28 0.00 8.94 -26.75
N VAL D 29 -0.85 8.04 -27.28
CA VAL D 29 -2.25 8.31 -27.57
C VAL D 29 -3.05 7.38 -26.64
N LEU D 30 -3.73 7.97 -25.67
CA LEU D 30 -4.52 7.21 -24.71
C LEU D 30 -5.97 7.22 -25.20
N CYS D 31 -6.57 6.04 -25.39
CA CYS D 31 -7.88 5.89 -26.00
C CYS D 31 -8.85 5.25 -25.00
N ILE D 32 -10.02 5.86 -24.85
CA ILE D 32 -11.02 5.39 -23.85
C ILE D 32 -12.26 4.89 -24.58
N HIS D 33 -12.48 3.57 -24.54
CA HIS D 33 -13.66 2.97 -25.18
C HIS D 33 -14.95 3.31 -24.45
N GLY D 34 -16.07 3.03 -25.12
CA GLY D 34 -17.40 3.30 -24.56
C GLY D 34 -18.03 2.07 -23.95
N ILE D 35 -19.27 2.22 -23.47
CA ILE D 35 -19.91 1.14 -22.72
C ILE D 35 -20.01 -0.15 -23.53
N LEU D 36 -19.75 -1.26 -22.84
CA LEU D 36 -19.79 -2.65 -23.36
C LEU D 36 -18.64 -3.04 -24.27
N GLU D 37 -17.79 -2.10 -24.67
CA GLU D 37 -16.68 -2.48 -25.54
C GLU D 37 -15.43 -2.83 -24.75
N GLN D 38 -14.25 -2.57 -25.31
CA GLN D 38 -13.00 -3.06 -24.69
C GLN D 38 -11.85 -2.34 -25.36
N GLY D 39 -10.69 -2.38 -24.74
CA GLY D 39 -9.51 -1.69 -25.30
C GLY D 39 -9.18 -2.13 -26.72
N LEU D 40 -9.32 -3.43 -27.01
CA LEU D 40 -9.02 -4.00 -28.31
C LEU D 40 -9.84 -3.38 -29.43
N ALA D 41 -10.99 -2.80 -29.08
CA ALA D 41 -11.88 -2.20 -30.10
C ALA D 41 -11.23 -1.01 -30.80
N TRP D 42 -10.12 -0.51 -30.25
CA TRP D 42 -9.41 0.62 -30.85
C TRP D 42 -8.37 0.15 -31.88
N GLN D 43 -8.31 -1.15 -32.16
CA GLN D 43 -7.17 -1.65 -32.95
C GLN D 43 -7.08 -1.06 -34.35
N GLU D 44 -8.23 -0.83 -35.01
CA GLU D 44 -8.19 -0.33 -36.38
C GLU D 44 -7.66 1.12 -36.43
N VAL D 45 -7.93 1.89 -35.37
CA VAL D 45 -7.31 3.22 -35.22
C VAL D 45 -5.84 3.10 -34.79
N ALA D 46 -5.58 2.20 -33.85
CA ALA D 46 -4.26 2.08 -33.23
C ALA D 46 -3.15 1.69 -34.21
N LEU D 47 -3.44 0.76 -35.12
CA LEU D 47 -2.41 0.25 -36.03
C LEU D 47 -1.76 1.36 -36.90
N PRO D 48 -2.58 2.19 -37.60
CA PRO D 48 -1.92 3.24 -38.38
C PRO D 48 -1.17 4.26 -37.50
N LEU D 49 -1.67 4.52 -36.29
CA LEU D 49 -0.98 5.42 -35.37
C LEU D 49 0.37 4.84 -34.93
N ALA D 50 0.38 3.55 -34.57
CA ALA D 50 1.64 2.91 -34.17
C ALA D 50 2.63 2.90 -35.34
N ALA D 51 2.12 2.69 -36.55
CA ALA D 51 2.97 2.65 -37.75
C ALA D 51 3.64 4.01 -38.03
N GLN D 52 3.05 5.08 -37.48
CA GLN D 52 3.55 6.43 -37.68
C GLN D 52 4.24 7.02 -36.45
N GLY D 53 4.66 6.13 -35.54
CA GLY D 53 5.51 6.50 -34.42
C GLY D 53 4.81 6.95 -33.14
N TYR D 54 3.62 6.40 -32.88
CA TYR D 54 2.92 6.64 -31.60
C TYR D 54 2.80 5.36 -30.81
N ARG D 55 2.72 5.54 -29.49
CA ARG D 55 2.43 4.49 -28.56
C ARG D 55 0.95 4.65 -28.21
N VAL D 56 0.15 3.65 -28.59
CA VAL D 56 -1.29 3.75 -28.37
C VAL D 56 -1.65 2.87 -27.16
N VAL D 57 -2.37 3.44 -26.20
CA VAL D 57 -2.71 2.70 -24.97
C VAL D 57 -4.22 2.79 -24.80
N ALA D 58 -4.85 1.64 -24.57
CA ALA D 58 -6.31 1.59 -24.43
C ALA D 58 -6.63 0.65 -23.25
N PRO D 59 -7.02 1.20 -22.09
CA PRO D 59 -7.39 0.37 -20.95
C PRO D 59 -8.74 -0.24 -21.20
N ASP D 60 -8.94 -1.41 -20.60
CA ASP D 60 -10.28 -1.96 -20.49
C ASP D 60 -10.89 -1.29 -19.26
N LEU D 61 -12.05 -0.64 -19.40
CA LEU D 61 -12.75 -0.11 -18.20
C LEU D 61 -13.14 -1.28 -17.29
N PHE D 62 -13.25 -1.03 -15.99
CA PHE D 62 -13.63 -2.11 -15.07
C PHE D 62 -14.92 -2.78 -15.56
N GLY D 63 -15.00 -4.09 -15.36
CA GLY D 63 -16.14 -4.88 -15.84
C GLY D 63 -16.14 -5.19 -17.33
N HIS D 64 -15.16 -4.66 -18.08
CA HIS D 64 -15.09 -4.81 -19.52
C HIS D 64 -13.81 -5.53 -19.90
N GLY D 65 -13.79 -6.10 -21.10
CA GLY D 65 -12.56 -6.71 -21.63
C GLY D 65 -11.98 -7.71 -20.65
N ARG D 66 -10.70 -7.55 -20.31
CA ARG D 66 -10.06 -8.40 -19.30
C ARG D 66 -9.81 -7.71 -17.97
N SER D 67 -10.38 -6.52 -17.77
CA SER D 67 -10.31 -5.91 -16.44
C SER D 67 -11.20 -6.64 -15.44
N SER D 68 -10.85 -6.57 -14.16
CA SER D 68 -11.65 -7.37 -13.24
C SER D 68 -13.05 -6.76 -13.03
N HIS D 69 -13.98 -7.60 -12.55
CA HIS D 69 -15.33 -7.21 -12.28
C HIS D 69 -15.38 -6.70 -10.86
N LEU D 70 -16.14 -5.64 -10.64
CA LEU D 70 -16.27 -5.07 -9.31
C LEU D 70 -17.33 -5.85 -8.55
N GLU D 71 -16.97 -6.29 -7.36
CA GLU D 71 -17.84 -7.16 -6.58
C GLU D 71 -19.08 -6.45 -6.05
N MET D 72 -18.97 -5.15 -5.83
CA MET D 72 -20.13 -4.40 -5.39
C MET D 72 -20.67 -3.63 -6.56
N VAL D 73 -21.92 -3.90 -6.92
CA VAL D 73 -22.50 -3.32 -8.15
C VAL D 73 -22.45 -1.80 -8.21
N THR D 74 -22.59 -1.16 -7.06
CA THR D 74 -22.60 0.31 -7.01
C THR D 74 -21.23 0.95 -7.21
N SER D 75 -20.18 0.13 -7.24
CA SER D 75 -18.82 0.61 -7.50
C SER D 75 -18.70 1.02 -8.96
N TYR D 76 -19.59 0.51 -9.83
CA TYR D 76 -19.59 0.95 -11.22
C TYR D 76 -20.25 2.31 -11.24
N SER D 77 -19.48 3.33 -11.58
CA SER D 77 -19.95 4.71 -11.66
C SER D 77 -19.01 5.48 -12.54
N SER D 78 -19.47 6.65 -13.00
CA SER D 78 -18.61 7.50 -13.81
C SER D 78 -17.36 7.92 -13.00
N LEU D 79 -17.51 8.18 -11.69
CA LEU D 79 -16.36 8.56 -10.85
CA LEU D 79 -16.38 8.55 -10.81
C LEU D 79 -15.34 7.42 -10.71
N THR D 80 -15.82 6.19 -10.57
CA THR D 80 -14.88 5.02 -10.54
C THR D 80 -14.09 4.90 -11.86
N PHE D 81 -14.78 5.07 -12.99
CA PHE D 81 -14.08 5.00 -14.26
C PHE D 81 -13.10 6.15 -14.42
N LEU D 82 -13.48 7.35 -13.94
CA LEU D 82 -12.56 8.46 -13.98
C LEU D 82 -11.32 8.20 -13.15
N ALA D 83 -11.51 7.66 -11.94
CA ALA D 83 -10.38 7.36 -11.06
C ALA D 83 -9.47 6.30 -11.71
N GLN D 84 -10.10 5.36 -12.39
CA GLN D 84 -9.37 4.28 -13.08
C GLN D 84 -8.48 4.89 -14.18
N ILE D 85 -9.06 5.78 -14.98
CA ILE D 85 -8.32 6.46 -16.04
CA ILE D 85 -8.29 6.42 -16.04
C ILE D 85 -7.17 7.30 -15.47
N ASP D 86 -7.44 7.99 -14.37
CA ASP D 86 -6.42 8.79 -13.71
C ASP D 86 -5.28 7.92 -13.24
N ARG D 87 -5.58 6.70 -12.76
CA ARG D 87 -4.53 5.79 -12.31
C ARG D 87 -3.68 5.36 -13.51
N VAL D 88 -4.31 5.13 -14.66
CA VAL D 88 -3.59 4.72 -15.87
C VAL D 88 -2.65 5.84 -16.30
N ILE D 89 -3.11 7.07 -16.21
CA ILE D 89 -2.26 8.22 -16.59
C ILE D 89 -1.00 8.26 -15.74
N GLN D 90 -1.13 7.84 -14.49
CA GLN D 90 0.01 7.78 -13.58
C GLN D 90 1.09 6.81 -14.04
N GLU D 91 0.72 5.81 -14.84
CA GLU D 91 1.64 4.82 -15.38
C GLU D 91 2.39 5.31 -16.59
N LEU D 92 1.90 6.38 -17.20
CA LEU D 92 2.45 6.88 -18.46
C LEU D 92 3.47 7.99 -18.23
N PRO D 93 4.29 8.30 -19.26
CA PRO D 93 5.31 9.33 -19.05
C PRO D 93 4.69 10.69 -18.70
N ASP D 94 5.43 11.54 -17.99
CA ASP D 94 4.92 12.85 -17.59
C ASP D 94 5.19 13.84 -18.71
N GLN D 95 4.48 13.66 -19.81
CA GLN D 95 4.49 14.52 -20.97
C GLN D 95 3.02 14.68 -21.35
N PRO D 96 2.60 15.89 -21.80
CA PRO D 96 1.23 15.97 -22.34
C PRO D 96 0.98 14.96 -23.46
N LEU D 97 -0.20 14.33 -23.43
CA LEU D 97 -0.51 13.24 -24.34
C LEU D 97 -1.77 13.54 -25.15
N LEU D 98 -2.02 12.73 -26.18
CA LEU D 98 -3.25 12.88 -26.97
C LEU D 98 -4.29 11.98 -26.31
N LEU D 99 -5.40 12.56 -25.87
CA LEU D 99 -6.44 11.77 -25.21
C LEU D 99 -7.66 11.67 -26.13
N VAL D 100 -8.08 10.44 -26.45
CA VAL D 100 -9.20 10.18 -27.37
C VAL D 100 -10.25 9.38 -26.62
N GLY D 101 -11.50 9.81 -26.69
CA GLY D 101 -12.57 8.99 -26.12
C GLY D 101 -13.73 8.81 -27.07
N HIS D 102 -14.41 7.69 -26.97
CA HIS D 102 -15.58 7.43 -27.80
C HIS D 102 -16.82 7.29 -26.94
N SER D 103 -17.85 8.08 -27.26
CA SER D 103 -19.17 8.00 -26.61
C SER D 103 -19.06 8.18 -25.09
N MET D 104 -19.41 7.16 -24.28
CA MET D 104 -19.19 7.29 -22.83
C MET D 104 -17.71 7.59 -22.55
N GLY D 105 -16.80 7.02 -23.34
CA GLY D 105 -15.36 7.30 -23.14
C GLY D 105 -15.03 8.76 -23.45
N ALA D 106 -15.77 9.38 -24.38
CA ALA D 106 -15.59 10.83 -24.63
C ALA D 106 -16.04 11.66 -23.43
N MET D 107 -17.15 11.28 -22.80
CA MET D 107 -17.59 11.95 -21.57
C MET D 107 -16.51 11.83 -20.48
N LEU D 108 -15.97 10.61 -20.31
CA LEU D 108 -14.91 10.40 -19.31
C LEU D 108 -13.68 11.24 -19.64
N ALA D 109 -13.34 11.32 -20.91
CA ALA D 109 -12.22 12.13 -21.37
C ALA D 109 -12.40 13.61 -21.02
N THR D 110 -13.62 14.14 -21.19
CA THR D 110 -13.88 15.53 -20.79
C THR D 110 -13.61 15.78 -19.31
N ALA D 111 -13.98 14.81 -18.46
CA ALA D 111 -13.80 14.94 -17.03
C ALA D 111 -12.31 14.89 -16.66
N ILE D 112 -11.56 13.97 -17.29
CA ILE D 112 -10.10 13.91 -17.14
C ILE D 112 -9.44 15.22 -17.54
N ALA D 113 -9.87 15.79 -18.66
CA ALA D 113 -9.26 17.02 -19.14
C ALA D 113 -9.59 18.19 -18.22
N SER D 114 -10.74 18.14 -17.54
CA SER D 114 -11.12 19.16 -16.57
C SER D 114 -10.28 19.12 -15.29
N VAL D 115 -9.91 17.92 -14.87
CA VAL D 115 -9.19 17.68 -13.61
C VAL D 115 -7.66 17.71 -13.81
N ARG D 116 -7.20 17.24 -14.97
CA ARG D 116 -5.77 17.12 -15.25
C ARG D 116 -5.40 17.85 -16.54
N PRO D 117 -5.75 19.15 -16.67
CA PRO D 117 -5.54 19.80 -17.95
C PRO D 117 -4.08 19.86 -18.41
N LYS D 118 -3.13 19.87 -17.48
CA LYS D 118 -1.72 19.95 -17.85
C LYS D 118 -1.20 18.70 -18.55
N LYS D 119 -1.96 17.61 -18.43
CA LYS D 119 -1.57 16.32 -19.01
CA LYS D 119 -1.60 16.31 -19.02
C LYS D 119 -2.03 16.16 -20.46
N ILE D 120 -2.88 17.07 -20.91
CA ILE D 120 -3.55 16.86 -22.19
C ILE D 120 -3.03 17.80 -23.27
N LYS D 121 -2.33 17.22 -24.26
CA LYS D 121 -1.89 17.94 -25.46
C LYS D 121 -3.05 18.31 -26.38
N GLU D 122 -3.92 17.33 -26.64
CA GLU D 122 -5.16 17.57 -27.41
C GLU D 122 -6.19 16.59 -26.88
N LEU D 123 -7.42 17.07 -26.77
CA LEU D 123 -8.55 16.27 -26.32
C LEU D 123 -9.41 15.97 -27.53
N ILE D 124 -9.56 14.68 -27.85
CA ILE D 124 -10.24 14.32 -29.09
C ILE D 124 -11.49 13.55 -28.67
N LEU D 125 -12.64 14.19 -28.90
CA LEU D 125 -13.92 13.68 -28.38
C LEU D 125 -14.73 13.13 -29.51
N VAL D 126 -14.78 11.80 -29.60
CA VAL D 126 -15.49 11.17 -30.70
C VAL D 126 -16.91 10.83 -30.27
N GLU D 127 -17.90 11.45 -30.91
CA GLU D 127 -19.32 11.18 -30.61
C GLU D 127 -19.67 11.43 -29.14
N LEU D 128 -19.36 12.66 -28.71
CA LEU D 128 -19.65 13.10 -27.36
C LEU D 128 -21.15 13.22 -27.17
N PRO D 129 -21.69 12.52 -26.16
CA PRO D 129 -23.14 12.68 -25.89
C PRO D 129 -23.43 13.81 -24.90
N LEU D 130 -24.68 14.26 -24.81
CA LEU D 130 -25.06 15.21 -23.75
C LEU D 130 -26.14 14.57 -22.91
N PRO D 131 -26.16 14.88 -21.59
CA PRO D 131 -27.35 14.47 -20.79
C PRO D 131 -28.66 15.00 -21.40
N ALA D 132 -29.77 14.32 -21.10
CA ALA D 132 -31.10 14.79 -21.53
C ALA D 132 -31.41 16.16 -20.91
N GLU D 133 -32.15 16.99 -21.67
CA GLU D 133 -32.61 18.29 -21.16
C GLU D 133 -33.51 18.07 -19.95
N GLU D 134 -33.45 19.02 -19.02
CA GLU D 134 -34.16 18.93 -17.73
C GLU D 134 -35.66 18.65 -17.88
N SER D 135 -36.27 19.19 -18.93
CA SER D 135 -37.70 18.99 -19.21
C SER D 135 -38.06 17.54 -19.59
N LYS D 136 -37.07 16.80 -20.09
CA LYS D 136 -37.29 15.44 -20.59
C LYS D 136 -36.71 14.38 -19.65
N LYS D 137 -35.98 14.81 -18.63
CA LYS D 137 -35.29 13.89 -17.71
C LYS D 137 -36.29 13.02 -16.96
N GLU D 138 -35.91 11.77 -16.72
CA GLU D 138 -36.74 10.83 -15.96
C GLU D 138 -36.82 11.30 -14.51
N SER D 139 -37.95 11.03 -13.85
CA SER D 139 -38.14 11.43 -12.44
C SER D 139 -37.08 10.80 -11.53
N ALA D 140 -36.74 11.50 -10.44
CA ALA D 140 -35.75 11.01 -9.48
C ALA D 140 -36.15 9.64 -8.89
N VAL D 141 -37.42 9.53 -8.49
CA VAL D 141 -37.94 8.30 -7.86
C VAL D 141 -37.90 7.10 -8.81
N ASN D 142 -38.42 7.26 -10.02
CA ASN D 142 -38.38 6.22 -11.04
C ASN D 142 -36.95 5.82 -11.42
N GLN D 143 -36.05 6.80 -11.47
CA GLN D 143 -34.63 6.52 -11.74
C GLN D 143 -34.04 5.65 -10.64
N LEU D 144 -34.21 6.09 -9.40
CA LEU D 144 -33.68 5.39 -8.24
C LEU D 144 -34.29 3.99 -8.11
N THR D 145 -35.61 3.88 -8.34
CA THR D 145 -36.33 2.62 -8.22
C THR D 145 -35.82 1.58 -9.21
N THR D 146 -35.71 1.98 -10.47
CA THR D 146 -35.32 1.01 -11.49
C THR D 146 -33.87 0.56 -11.26
N CYS D 147 -33.05 1.51 -10.82
CA CYS D 147 -31.68 1.26 -10.42
C CYS D 147 -31.49 0.32 -9.20
N LEU D 148 -32.16 0.63 -8.08
CA LEU D 148 -32.05 -0.25 -6.89
C LEU D 148 -32.58 -1.65 -7.17
N ASP D 149 -33.59 -1.75 -8.03
CA ASP D 149 -34.17 -3.03 -8.44
C ASP D 149 -33.18 -3.83 -9.28
N TYR D 150 -32.54 -3.15 -10.23
CA TYR D 150 -31.61 -3.79 -11.13
C TYR D 150 -30.36 -4.25 -10.38
N LEU D 151 -29.79 -3.35 -9.59
CA LEU D 151 -28.58 -3.60 -8.76
C LEU D 151 -28.61 -4.91 -7.98
N SER D 152 -29.80 -5.33 -7.55
CA SER D 152 -29.97 -6.55 -6.75
C SER D 152 -30.41 -7.79 -7.56
N SER D 153 -30.57 -7.64 -8.87
CA SER D 153 -31.24 -8.68 -9.70
C SER D 153 -30.40 -9.91 -10.11
N THR D 154 -29.08 -9.81 -10.01
CA THR D 154 -28.11 -10.85 -10.47
C THR D 154 -28.29 -11.33 -11.93
N PRO D 155 -28.12 -10.43 -12.91
CA PRO D 155 -28.29 -10.75 -14.34
C PRO D 155 -27.31 -11.80 -14.87
N GLN D 156 -27.79 -12.59 -15.83
CA GLN D 156 -26.98 -13.63 -16.45
C GLN D 156 -26.86 -13.43 -17.95
N HIS D 157 -25.64 -13.65 -18.45
CA HIS D 157 -25.41 -13.70 -19.88
C HIS D 157 -26.05 -14.95 -20.47
N PRO D 158 -26.48 -14.88 -21.75
CA PRO D 158 -26.91 -16.07 -22.45
C PRO D 158 -25.72 -16.96 -22.80
N ILE D 159 -25.99 -18.25 -22.88
CA ILE D 159 -25.02 -19.22 -23.39
C ILE D 159 -25.18 -19.31 -24.89
N PHE D 160 -24.14 -18.91 -25.62
CA PHE D 160 -24.12 -19.01 -27.08
C PHE D 160 -23.60 -20.40 -27.43
N PRO D 161 -23.98 -20.93 -28.60
CA PRO D 161 -23.43 -22.26 -28.94
C PRO D 161 -21.93 -22.23 -29.26
N ASP D 162 -21.42 -21.08 -29.67
CA ASP D 162 -20.01 -20.97 -30.07
C ASP D 162 -19.58 -19.52 -30.18
N VAL D 163 -18.27 -19.30 -30.35
CA VAL D 163 -17.71 -17.95 -30.47
C VAL D 163 -18.22 -17.26 -31.74
N ALA D 164 -18.42 -18.01 -32.83
CA ALA D 164 -18.98 -17.44 -34.07
C ALA D 164 -20.30 -16.71 -33.82
N THR D 165 -21.15 -17.26 -32.94
CA THR D 165 -22.43 -16.63 -32.62
C THR D 165 -22.25 -15.30 -31.90
N ALA D 166 -21.27 -15.24 -30.99
CA ALA D 166 -20.94 -13.99 -30.28
C ALA D 166 -20.39 -12.95 -31.25
N ALA D 167 -19.54 -13.39 -32.18
CA ALA D 167 -18.96 -12.50 -33.18
C ALA D 167 -20.06 -11.90 -34.08
N SER D 168 -21.05 -12.73 -34.42
CA SER D 168 -22.15 -12.28 -35.27
CA SER D 168 -22.16 -12.30 -35.26
C SER D 168 -22.96 -11.20 -34.55
N ARG D 169 -23.12 -11.37 -33.24
CA ARG D 169 -23.81 -10.37 -32.45
C ARG D 169 -23.04 -9.06 -32.44
N LEU D 170 -21.72 -9.12 -32.34
CA LEU D 170 -20.92 -7.89 -32.46
C LEU D 170 -21.06 -7.23 -33.84
N ARG D 171 -21.12 -8.02 -34.91
CA ARG D 171 -21.26 -7.48 -36.26
CA ARG D 171 -21.25 -7.47 -36.28
C ARG D 171 -22.65 -6.90 -36.51
N GLN D 172 -23.66 -7.50 -35.89
CA GLN D 172 -25.01 -6.93 -35.95
C GLN D 172 -25.02 -5.54 -35.29
N ALA D 173 -24.25 -5.37 -34.21
CA ALA D 173 -24.18 -4.09 -33.51
C ALA D 173 -23.37 -3.06 -34.30
N ILE D 174 -22.31 -3.52 -34.95
CA ILE D 174 -21.45 -2.63 -35.73
C ILE D 174 -21.22 -3.27 -37.11
N PRO D 175 -22.13 -3.01 -38.07
CA PRO D 175 -22.05 -3.68 -39.36
C PRO D 175 -20.73 -3.52 -40.13
N SER D 176 -19.96 -2.48 -39.85
CA SER D 176 -18.71 -2.29 -40.59
C SER D 176 -17.55 -3.13 -40.05
N LEU D 177 -17.76 -3.80 -38.91
CA LEU D 177 -16.73 -4.72 -38.41
C LEU D 177 -16.51 -5.80 -39.43
N SER D 178 -15.24 -6.11 -39.70
CA SER D 178 -14.95 -7.26 -40.56
C SER D 178 -15.28 -8.56 -39.83
N GLU D 179 -15.46 -9.64 -40.60
CA GLU D 179 -15.67 -10.95 -39.99
C GLU D 179 -14.50 -11.31 -39.07
N GLU D 180 -13.29 -11.13 -39.59
CA GLU D 180 -12.07 -11.42 -38.82
C GLU D 180 -11.97 -10.64 -37.51
N PHE D 181 -12.18 -9.33 -37.56
CA PHE D 181 -12.05 -8.48 -36.35
C PHE D 181 -13.16 -8.77 -35.35
N SER D 182 -14.37 -9.02 -35.85
CA SER D 182 -15.47 -9.39 -34.94
C SER D 182 -15.11 -10.68 -34.19
N TYR D 183 -14.46 -11.62 -34.87
CA TYR D 183 -14.09 -12.87 -34.20
C TYR D 183 -13.00 -12.69 -33.12
N ILE D 184 -11.97 -11.90 -33.42
CA ILE D 184 -10.91 -11.64 -32.44
C ILE D 184 -11.45 -10.88 -31.26
N LEU D 185 -12.38 -9.95 -31.51
CA LEU D 185 -13.03 -9.20 -30.42
C LEU D 185 -13.84 -10.15 -29.55
N ALA D 186 -14.69 -10.96 -30.18
CA ALA D 186 -15.50 -11.93 -29.42
C ALA D 186 -14.67 -12.93 -28.62
N GLN D 187 -13.60 -13.46 -29.23
CA GLN D 187 -12.68 -14.36 -28.55
C GLN D 187 -12.18 -13.75 -27.23
N ARG D 188 -11.85 -12.46 -27.26
CA ARG D 188 -11.26 -11.81 -26.11
C ARG D 188 -12.25 -11.65 -24.93
N ILE D 189 -13.54 -11.58 -25.26
CA ILE D 189 -14.56 -11.37 -24.22
C ILE D 189 -15.60 -12.50 -24.16
N THR D 190 -15.16 -13.70 -24.49
CA THR D 190 -15.98 -14.91 -24.26
C THR D 190 -15.19 -15.96 -23.48
N GLN D 191 -15.92 -16.86 -22.81
CA GLN D 191 -15.30 -17.94 -22.05
C GLN D 191 -16.24 -19.12 -22.13
N PRO D 192 -15.70 -20.35 -22.04
CA PRO D 192 -16.53 -21.56 -22.00
C PRO D 192 -17.49 -21.55 -20.82
N ASN D 193 -18.72 -22.02 -21.04
CA ASN D 193 -19.72 -22.14 -19.96
C ASN D 193 -20.85 -23.04 -20.38
N GLN D 194 -21.15 -24.03 -19.54
CA GLN D 194 -22.29 -24.95 -19.75
C GLN D 194 -22.38 -25.54 -21.16
N GLY D 195 -21.22 -25.92 -21.70
CA GLY D 195 -21.14 -26.54 -23.02
C GLY D 195 -21.10 -25.58 -24.19
N GLY D 196 -21.28 -24.29 -23.92
CA GLY D 196 -21.20 -23.28 -24.96
C GLY D 196 -20.18 -22.21 -24.56
N VAL D 197 -20.45 -20.97 -24.97
CA VAL D 197 -19.63 -19.84 -24.50
C VAL D 197 -20.53 -18.70 -24.04
N ARG D 198 -20.01 -17.86 -23.13
CA ARG D 198 -20.76 -16.69 -22.66
C ARG D 198 -19.86 -15.47 -22.67
N TRP D 199 -20.46 -14.28 -22.72
CA TRP D 199 -19.63 -13.05 -22.52
C TRP D 199 -18.86 -13.14 -21.20
N SER D 200 -17.62 -12.63 -21.18
CA SER D 200 -16.83 -12.65 -19.98
C SER D 200 -16.71 -11.27 -19.29
N TRP D 201 -17.35 -10.26 -19.88
CA TRP D 201 -17.53 -8.97 -19.21
C TRP D 201 -18.65 -9.08 -18.17
N ASP D 202 -18.79 -8.06 -17.32
CA ASP D 202 -19.71 -8.17 -16.17
C ASP D 202 -21.14 -7.86 -16.61
N ALA D 203 -22.03 -8.85 -16.50
CA ALA D 203 -23.40 -8.74 -16.98
C ALA D 203 -24.12 -7.51 -16.42
N ILE D 204 -23.75 -7.10 -15.21
CA ILE D 204 -24.38 -5.96 -14.56
C ILE D 204 -24.22 -4.62 -15.32
N ILE D 205 -23.24 -4.51 -16.21
CA ILE D 205 -22.98 -3.23 -16.87
C ILE D 205 -24.03 -2.90 -17.95
N ARG D 206 -24.75 -3.92 -18.40
CA ARG D 206 -25.75 -3.78 -19.46
C ARG D 206 -26.80 -2.68 -19.18
N THR D 207 -27.33 -2.62 -17.97
CA THR D 207 -28.30 -1.57 -17.60
C THR D 207 -27.69 -0.58 -16.63
N ARG D 208 -27.59 0.69 -17.05
CA ARG D 208 -26.98 1.73 -16.24
C ARG D 208 -27.79 3.03 -16.24
N LEU D 211 -23.42 4.31 -14.92
CA LEU D 211 -23.00 5.68 -14.62
C LEU D 211 -23.06 6.01 -13.12
N GLY D 212 -23.97 5.35 -12.40
CA GLY D 212 -24.00 5.40 -10.95
C GLY D 212 -24.83 6.49 -10.30
N LEU D 213 -25.60 7.23 -11.09
CA LEU D 213 -26.47 8.31 -10.60
C LEU D 213 -25.71 9.33 -9.71
N ASN D 214 -24.89 10.16 -10.35
CA ASN D 214 -24.14 11.20 -9.66
C ASN D 214 -24.07 12.50 -10.49
N ASN D 215 -23.09 13.34 -10.20
CA ASN D 215 -22.94 14.64 -10.87
C ASN D 215 -22.08 14.57 -12.14
N LEU D 216 -21.71 13.36 -12.55
CA LEU D 216 -20.95 13.16 -13.79
C LEU D 216 -21.63 12.14 -14.72
N PRO D 217 -22.12 12.60 -15.89
CA PRO D 217 -22.15 13.99 -16.35
C PRO D 217 -23.20 14.86 -15.63
N GLY D 218 -24.12 14.20 -14.90
CA GLY D 218 -25.14 14.88 -14.09
C GLY D 218 -26.20 15.52 -14.96
N GLY D 219 -26.75 16.65 -14.50
CA GLY D 219 -27.70 17.41 -15.31
C GLY D 219 -27.03 18.07 -16.50
N ARG D 220 -27.82 18.34 -17.54
CA ARG D 220 -27.30 18.91 -18.79
C ARG D 220 -26.64 20.27 -18.56
N SER D 221 -27.32 21.16 -17.83
CA SER D 221 -26.76 22.50 -17.63
C SER D 221 -25.39 22.49 -16.92
N GLN D 222 -25.28 21.66 -15.89
CA GLN D 222 -24.04 21.53 -15.13
C GLN D 222 -22.91 20.95 -16.00
N TYR D 223 -23.26 19.98 -16.83
CA TYR D 223 -22.28 19.37 -17.74
C TYR D 223 -21.76 20.35 -18.80
N LEU D 224 -22.67 21.13 -19.38
CA LEU D 224 -22.30 22.16 -20.34
C LEU D 224 -21.38 23.18 -19.71
N GLU D 225 -21.67 23.54 -18.45
CA GLU D 225 -20.80 24.40 -17.66
C GLU D 225 -19.38 23.82 -17.53
N MET D 226 -19.28 22.50 -17.31
CA MET D 226 -17.96 21.84 -17.25
C MET D 226 -17.24 21.91 -18.60
N LEU D 227 -17.96 21.59 -19.67
CA LEU D 227 -17.43 21.69 -21.04
C LEU D 227 -16.90 23.08 -21.38
N LYS D 228 -17.63 24.12 -20.99
CA LYS D 228 -17.23 25.51 -21.28
C LYS D 228 -15.90 25.84 -20.61
N SER D 229 -15.66 25.22 -19.45
CA SER D 229 -14.47 25.48 -18.62
CA SER D 229 -14.48 25.49 -18.62
C SER D 229 -13.20 24.80 -19.11
N ILE D 230 -13.32 23.87 -20.05
CA ILE D 230 -12.14 23.19 -20.56
C ILE D 230 -11.27 24.15 -21.38
N GLN D 231 -9.98 24.26 -21.02
CA GLN D 231 -9.07 25.17 -21.73
C GLN D 231 -8.03 24.43 -22.59
N VAL D 232 -8.07 23.11 -22.54
CA VAL D 232 -7.14 22.32 -23.37
CA VAL D 232 -7.23 22.19 -23.34
C VAL D 232 -7.61 22.33 -24.83
N PRO D 233 -6.63 22.28 -25.78
CA PRO D 233 -7.06 22.21 -27.19
C PRO D 233 -7.95 20.99 -27.44
N THR D 234 -9.07 21.20 -28.13
CA THR D 234 -10.11 20.16 -28.22
C THR D 234 -10.62 20.00 -29.64
N THR D 235 -10.91 18.76 -30.04
CA THR D 235 -11.53 18.47 -31.32
C THR D 235 -12.75 17.59 -31.05
N LEU D 236 -13.90 18.10 -31.46
CA LEU D 236 -15.15 17.35 -31.42
C LEU D 236 -15.31 16.63 -32.75
N VAL D 237 -15.46 15.31 -32.70
CA VAL D 237 -15.54 14.50 -33.91
C VAL D 237 -16.91 13.85 -33.97
N TYR D 238 -17.60 14.04 -35.07
CA TYR D 238 -18.92 13.44 -35.25
C TYR D 238 -19.07 12.62 -36.50
N GLY D 239 -19.95 11.62 -36.46
CA GLY D 239 -20.25 10.85 -37.67
C GLY D 239 -21.33 11.56 -38.46
N ASP D 240 -21.14 11.66 -39.77
CA ASP D 240 -22.11 12.43 -40.57
C ASP D 240 -23.46 11.70 -40.73
N SER D 241 -23.49 10.41 -40.38
CA SER D 241 -24.75 9.67 -40.32
C SER D 241 -25.14 9.22 -38.90
N SER D 242 -24.46 9.73 -37.88
CA SER D 242 -24.83 9.36 -36.51
C SER D 242 -26.11 10.06 -36.07
N LYS D 243 -26.94 9.32 -35.34
CA LYS D 243 -28.16 9.91 -34.79
C LYS D 243 -28.01 10.22 -33.31
N LEU D 244 -26.78 10.11 -32.78
CA LEU D 244 -26.55 10.38 -31.36
C LEU D 244 -26.96 11.80 -31.00
N ASN D 245 -26.47 12.76 -31.77
CA ASN D 245 -26.75 14.18 -31.51
C ASN D 245 -27.70 14.78 -32.53
N ARG D 246 -28.87 15.23 -32.06
CA ARG D 246 -29.80 15.98 -32.89
C ARG D 246 -29.15 17.29 -33.34
N PRO D 247 -29.67 17.96 -34.39
CA PRO D 247 -29.07 19.24 -34.74
C PRO D 247 -28.96 20.21 -33.54
N GLU D 248 -29.94 20.14 -32.63
CA GLU D 248 -29.99 20.94 -31.39
C GLU D 248 -28.82 20.66 -30.45
N ASP D 249 -28.46 19.40 -30.33
CA ASP D 249 -27.34 18.98 -29.48
C ASP D 249 -26.00 19.41 -30.07
N LEU D 250 -25.84 19.24 -31.38
CA LEU D 250 -24.63 19.66 -32.08
C LEU D 250 -24.45 21.16 -31.92
N GLN D 251 -25.55 21.91 -32.07
CA GLN D 251 -25.54 23.38 -31.92
C GLN D 251 -25.14 23.73 -30.50
N GLN D 252 -25.74 23.03 -29.54
CA GLN D 252 -25.42 23.24 -28.13
C GLN D 252 -23.94 23.04 -27.84
N GLN D 253 -23.37 21.94 -28.32
CA GLN D 253 -21.94 21.70 -28.12
C GLN D 253 -21.07 22.79 -28.76
N LYS D 254 -21.45 23.22 -29.96
CA LYS D 254 -20.73 24.24 -30.72
C LYS D 254 -20.70 25.57 -29.98
N MET D 255 -21.85 25.95 -29.43
CA MET D 255 -21.97 27.23 -28.73
C MET D 255 -21.37 27.20 -27.35
N THR D 256 -21.27 26.01 -26.77
CA THR D 256 -20.68 25.86 -25.43
C THR D 256 -19.15 25.80 -25.49
N MET D 257 -18.64 24.99 -26.41
CA MET D 257 -17.21 24.77 -26.49
C MET D 257 -16.73 25.58 -27.68
N THR D 258 -16.67 26.90 -27.48
CA THR D 258 -16.42 27.82 -28.58
C THR D 258 -15.00 27.73 -29.14
N GLN D 259 -14.05 27.22 -28.34
CA GLN D 259 -12.67 27.07 -28.82
C GLN D 259 -12.38 25.72 -29.44
N ALA D 260 -13.32 24.79 -29.33
CA ALA D 260 -13.13 23.46 -29.90
C ALA D 260 -13.15 23.46 -31.44
N LYS D 261 -12.25 22.69 -32.03
CA LYS D 261 -12.32 22.33 -33.45
C LYS D 261 -13.44 21.33 -33.61
N ARG D 262 -14.08 21.32 -34.77
CA ARG D 262 -15.18 20.38 -35.02
C ARG D 262 -14.94 19.68 -36.35
N VAL D 263 -15.12 18.37 -36.40
CA VAL D 263 -14.85 17.63 -37.63
C VAL D 263 -15.95 16.60 -37.85
N PHE D 264 -16.46 16.50 -39.08
CA PHE D 264 -17.40 15.43 -39.43
C PHE D 264 -16.69 14.38 -40.28
N LEU D 265 -16.76 13.14 -39.81
CA LEU D 265 -16.25 12.01 -40.58
C LEU D 265 -17.39 11.22 -41.23
N SER D 266 -17.05 10.42 -42.24
CA SER D 266 -18.03 9.62 -42.95
CA SER D 266 -18.02 9.60 -42.96
C SER D 266 -18.31 8.34 -42.16
N GLY D 267 -19.48 8.29 -41.55
CA GLY D 267 -19.86 7.10 -40.78
C GLY D 267 -20.89 7.44 -39.74
N GLY D 268 -21.29 6.43 -38.98
CA GLY D 268 -22.29 6.66 -37.95
C GLY D 268 -21.63 6.83 -36.59
N HIS D 269 -22.31 6.34 -35.57
CA HIS D 269 -21.85 6.50 -34.20
C HIS D 269 -20.49 5.85 -33.95
N ASN D 270 -20.27 4.70 -34.58
CA ASN D 270 -19.12 3.87 -34.23
C ASN D 270 -17.92 4.16 -35.13
N LEU D 271 -17.42 5.39 -35.03
CA LEU D 271 -16.40 5.86 -35.96
C LEU D 271 -15.07 5.16 -35.83
N HIS D 272 -14.81 4.60 -34.65
CA HIS D 272 -13.57 3.87 -34.40
C HIS D 272 -13.49 2.63 -35.26
N ILE D 273 -14.64 2.17 -35.78
CA ILE D 273 -14.67 1.08 -36.76
C ILE D 273 -15.04 1.63 -38.16
N ASP D 274 -16.10 2.43 -38.24
CA ASP D 274 -16.61 2.94 -39.55
C ASP D 274 -15.58 3.77 -40.33
N ALA D 275 -14.84 4.59 -39.60
CA ALA D 275 -13.93 5.56 -40.21
C ALA D 275 -12.57 5.51 -39.48
N ALA D 276 -12.08 4.30 -39.25
CA ALA D 276 -10.85 4.12 -38.44
C ALA D 276 -9.67 4.83 -39.05
N ALA D 277 -9.42 4.61 -40.35
CA ALA D 277 -8.27 5.25 -41.00
C ALA D 277 -8.37 6.77 -40.96
N ALA D 278 -9.56 7.32 -41.19
CA ALA D 278 -9.75 8.76 -41.17
C ALA D 278 -9.60 9.31 -39.75
N LEU D 279 -10.02 8.52 -38.75
CA LEU D 279 -9.93 8.98 -37.37
C LEU D 279 -8.45 8.97 -36.95
N ALA D 280 -7.70 7.96 -37.38
CA ALA D 280 -6.26 7.94 -37.12
C ALA D 280 -5.58 9.15 -37.77
N SER D 281 -5.98 9.45 -39.00
CA SER D 281 -5.41 10.59 -39.73
CA SER D 281 -5.41 10.59 -39.72
C SER D 281 -5.66 11.89 -38.98
N LEU D 282 -6.87 12.04 -38.44
CA LEU D 282 -7.26 13.23 -37.69
C LEU D 282 -6.37 13.36 -36.44
N ILE D 283 -6.16 12.25 -35.74
CA ILE D 283 -5.28 12.22 -34.58
C ILE D 283 -3.84 12.65 -34.92
N LEU D 284 -3.30 12.09 -36.02
CA LEU D 284 -1.92 12.39 -36.48
C LEU D 284 -1.75 13.86 -36.87
N THR D 285 -2.82 14.51 -37.27
CA THR D 285 -2.73 15.91 -37.72
C THR D 285 -2.99 16.93 -36.60
N SER D 286 -3.30 16.43 -35.39
CA SER D 286 -3.64 17.31 -34.26
C SER D 286 -2.39 18.00 -33.67
#